data_1LQA
#
_entry.id   1LQA
#
_cell.length_a   58.300
_cell.length_b   81.460
_cell.length_c   145.020
_cell.angle_alpha   90.00
_cell.angle_beta   90.00
_cell.angle_gamma   90.00
#
_symmetry.space_group_name_H-M   'P 21 21 21'
#
loop_
_entity.id
_entity.type
_entity.pdbx_description
1 polymer 'Tas protein'
2 non-polymer 'NADPH DIHYDRO-NICOTINAMIDE-ADENINE-DINUCLEOTIDE PHOSPHATE'
3 water water
#
_entity_poly.entity_id   1
_entity_poly.type   'polypeptide(L)'
_entity_poly.pdbx_seq_one_letter_code
;MQYHRIPHSSLEVSTLGLGTMTFGEQNSEADAHAQLDYAVAQGINLIDVAEMYPVPPRPETQGLTETYVGNWLAKHGSRE
KLIIASKVSGPSRNNDKGIRPDQALDRKNIREALHDSLKRLQTDYLDLYQVHWPQRPTNCFGKLGYSWTDSAPAVSLLDT
LDALAEYQRAGKIRYIGVSNETAFGVMRYLHLADKHDLPRIVTIQNPYSLLNRSFEVGLAEVSQYEGVELLAYSCLGFGT
LTGKYLNGAKPAGARNTLFSRFTRYSGEQTQKAVAAYVDIARRHGLDPAQMALAFVRRQPFVASTLLGATTMDQLKTNIE
SLHLELSEDVLAEIEAVHQVYTYPAP
;
_entity_poly.pdbx_strand_id   A,B
#
# COMPACT_ATOMS: atom_id res chain seq x y z
N MET A 1 2.43 -30.88 11.60
CA MET A 1 1.82 -29.68 10.91
C MET A 1 1.16 -28.71 11.89
N GLN A 2 1.27 -27.42 11.60
CA GLN A 2 0.55 -26.41 12.36
C GLN A 2 -0.64 -25.96 11.52
N TYR A 3 -1.65 -25.42 12.20
CA TYR A 3 -2.88 -25.01 11.56
C TYR A 3 -3.27 -23.60 11.97
N HIS A 4 -4.15 -23.00 11.19
CA HIS A 4 -4.53 -21.60 11.40
C HIS A 4 -6.01 -21.44 11.10
N ARG A 5 -6.75 -20.91 12.08
CA ARG A 5 -8.17 -20.69 11.86
C ARG A 5 -8.46 -19.39 11.10
N ILE A 6 -9.12 -19.48 9.95
CA ILE A 6 -9.48 -18.27 9.15
C ILE A 6 -10.73 -17.63 9.75
N PRO A 7 -10.66 -16.36 10.10
CA PRO A 7 -11.85 -15.67 10.67
C PRO A 7 -13.10 -15.71 9.75
N HIS A 8 -14.29 -15.68 10.37
CA HIS A 8 -15.55 -15.67 9.63
C HIS A 8 -15.77 -16.89 8.78
N SER A 9 -15.21 -18.04 9.21
CA SER A 9 -15.31 -19.27 8.41
C SER A 9 -15.15 -20.51 9.28
N SER A 10 -15.35 -21.66 8.65
CA SER A 10 -15.15 -22.95 9.31
C SER A 10 -13.87 -23.55 8.76
N LEU A 11 -13.02 -22.73 8.15
CA LEU A 11 -11.76 -23.26 7.64
C LEU A 11 -10.63 -23.16 8.64
N GLU A 12 -10.02 -24.29 8.94
CA GLU A 12 -8.80 -24.30 9.71
C GLU A 12 -7.78 -24.88 8.72
N VAL A 13 -6.93 -23.99 8.20
CA VAL A 13 -5.99 -24.37 7.14
C VAL A 13 -4.65 -24.80 7.70
N SER A 14 -4.05 -25.80 7.07
CA SER A 14 -2.65 -26.09 7.40
C SER A 14 -1.78 -24.85 7.08
N THR A 15 -0.76 -24.63 7.90
CA THR A 15 0.11 -23.47 7.75
C THR A 15 0.90 -23.53 6.45
N LEU A 16 1.09 -24.72 5.94
CA LEU A 16 1.60 -24.88 4.59
C LEU A 16 0.53 -25.52 3.74
N GLY A 17 0.41 -25.01 2.51
CA GLY A 17 -0.59 -25.54 1.56
C GLY A 17 0.17 -26.06 0.35
N LEU A 18 -0.50 -26.86 -0.49
CA LEU A 18 0.17 -27.38 -1.70
C LEU A 18 -0.37 -26.66 -2.92
N GLY A 19 0.49 -25.91 -3.58
CA GLY A 19 0.15 -25.34 -4.88
C GLY A 19 0.35 -26.44 -5.93
N THR A 20 -0.22 -26.24 -7.11
CA THR A 20 -0.31 -27.30 -8.12
C THR A 20 -0.09 -26.84 -9.54
N MET A 21 0.37 -25.61 -9.74
CA MET A 21 0.37 -25.09 -11.11
C MET A 21 1.30 -25.73 -12.13
N THR A 22 2.20 -26.58 -11.67
CA THR A 22 3.02 -27.30 -12.63
C THR A 22 2.42 -28.63 -12.99
N PHE A 23 1.28 -29.00 -12.38
CA PHE A 23 0.74 -30.35 -12.60
C PHE A 23 0.07 -30.42 -13.97
N GLY A 24 0.69 -31.15 -14.90
CA GLY A 24 0.19 -31.15 -16.27
C GLY A 24 1.15 -30.54 -17.25
N GLU A 25 2.19 -29.88 -16.75
CA GLU A 25 3.22 -29.33 -17.62
C GLU A 25 4.55 -29.97 -17.23
N GLN A 26 5.28 -29.36 -16.30
CA GLN A 26 6.53 -29.99 -15.85
C GLN A 26 6.27 -31.31 -15.15
N ASN A 27 5.15 -31.40 -14.46
CA ASN A 27 4.84 -32.61 -13.70
C ASN A 27 3.79 -33.47 -14.34
N SER A 28 4.01 -34.78 -14.27
CA SER A 28 3.01 -35.69 -14.80
C SER A 28 1.91 -35.93 -13.79
N GLU A 29 0.91 -36.70 -14.21
CA GLU A 29 -0.15 -37.04 -13.29
C GLU A 29 0.37 -37.89 -12.14
N ALA A 30 1.30 -38.81 -12.41
CA ALA A 30 1.82 -39.59 -11.31
C ALA A 30 2.63 -38.73 -10.34
N ASP A 31 3.35 -37.74 -10.85
CA ASP A 31 4.08 -36.81 -9.98
C ASP A 31 3.05 -36.05 -9.10
N ALA A 32 1.97 -35.61 -9.74
CA ALA A 32 0.92 -34.86 -9.03
C ALA A 32 0.38 -35.69 -7.91
N HIS A 33 -0.02 -36.92 -8.21
CA HIS A 33 -0.57 -37.78 -7.16
C HIS A 33 0.41 -38.10 -6.03
N ALA A 34 1.69 -38.26 -6.36
CA ALA A 34 2.72 -38.50 -5.36
C ALA A 34 2.86 -37.29 -4.46
N GLN A 35 2.76 -36.08 -5.05
CA GLN A 35 2.87 -34.88 -4.21
C GLN A 35 1.64 -34.70 -3.33
N LEU A 36 0.45 -34.96 -3.88
CA LEU A 36 -0.78 -34.81 -3.09
C LEU A 36 -0.79 -35.86 -1.96
N ASP A 37 -0.40 -37.10 -2.28
CA ASP A 37 -0.34 -38.09 -1.22
C ASP A 37 0.65 -37.67 -0.12
N TYR A 38 1.84 -37.19 -0.50
CA TYR A 38 2.86 -36.81 0.48
C TYR A 38 2.40 -35.62 1.33
N ALA A 39 1.86 -34.62 0.67
CA ALA A 39 1.41 -33.45 1.38
C ALA A 39 0.36 -33.84 2.41
N VAL A 40 -0.62 -34.65 2.02
CA VAL A 40 -1.66 -35.03 2.98
C VAL A 40 -1.08 -35.88 4.11
N ALA A 41 -0.12 -36.74 3.78
CA ALA A 41 0.49 -37.56 4.85
C ALA A 41 1.23 -36.69 5.87
N GLN A 42 1.67 -35.49 5.45
CA GLN A 42 2.35 -34.55 6.35
C GLN A 42 1.40 -33.57 7.03
N GLY A 43 0.10 -33.75 6.81
CA GLY A 43 -0.92 -32.97 7.49
C GLY A 43 -1.44 -31.80 6.71
N ILE A 44 -0.96 -31.57 5.50
CA ILE A 44 -1.49 -30.44 4.69
C ILE A 44 -2.91 -30.75 4.29
N ASN A 45 -3.81 -29.76 4.44
CA ASN A 45 -5.17 -29.92 3.95
C ASN A 45 -5.56 -28.93 2.86
N LEU A 46 -4.74 -27.95 2.57
CA LEU A 46 -5.11 -26.92 1.61
C LEU A 46 -4.43 -27.21 0.29
N ILE A 47 -5.26 -27.37 -0.77
CA ILE A 47 -4.76 -27.62 -2.12
C ILE A 47 -5.28 -26.50 -3.02
N ASP A 48 -4.36 -25.81 -3.68
CA ASP A 48 -4.74 -24.65 -4.48
C ASP A 48 -4.58 -24.96 -5.98
N VAL A 49 -5.68 -24.79 -6.72
CA VAL A 49 -5.68 -25.06 -8.16
C VAL A 49 -6.33 -23.86 -8.87
N ALA A 50 -6.51 -23.96 -10.19
CA ALA A 50 -7.18 -22.88 -10.92
C ALA A 50 -7.66 -23.46 -12.24
N GLU A 51 -8.69 -22.85 -12.83
CA GLU A 51 -9.13 -23.36 -14.13
C GLU A 51 -8.03 -23.16 -15.18
N MET A 52 -7.16 -22.15 -15.01
CA MET A 52 -6.15 -21.91 -16.03
C MET A 52 -4.88 -22.75 -15.95
N TYR A 53 -4.77 -23.59 -14.93
CA TYR A 53 -3.53 -24.34 -14.75
C TYR A 53 -3.55 -25.56 -15.65
N PRO A 54 -2.40 -26.08 -16.03
CA PRO A 54 -1.08 -25.64 -15.56
C PRO A 54 -0.45 -24.47 -16.32
N VAL A 55 0.67 -23.97 -15.76
CA VAL A 55 1.46 -22.91 -16.39
C VAL A 55 2.78 -23.47 -16.89
N PRO A 56 3.34 -22.87 -17.93
CA PRO A 56 2.77 -21.76 -18.69
C PRO A 56 1.53 -22.24 -19.40
N PRO A 57 0.51 -21.40 -19.37
CA PRO A 57 -0.81 -21.82 -19.85
C PRO A 57 -0.95 -21.84 -21.38
N ARG A 58 -1.69 -22.82 -21.89
CA ARG A 58 -2.09 -22.82 -23.30
C ARG A 58 -3.32 -23.69 -23.44
N PRO A 59 -4.11 -23.46 -24.48
CA PRO A 59 -5.36 -24.21 -24.65
C PRO A 59 -5.21 -25.70 -24.62
N GLU A 60 -4.11 -26.23 -25.14
CA GLU A 60 -3.96 -27.67 -25.19
C GLU A 60 -3.96 -28.36 -23.82
N THR A 61 -3.45 -27.65 -22.82
CA THR A 61 -3.36 -28.22 -21.47
C THR A 61 -4.30 -27.58 -20.48
N GLN A 62 -5.04 -26.55 -20.86
CA GLN A 62 -5.90 -25.85 -19.89
C GLN A 62 -6.84 -26.80 -19.17
N GLY A 63 -6.83 -26.76 -17.83
CA GLY A 63 -7.72 -27.59 -17.02
C GLY A 63 -7.09 -28.91 -16.59
N LEU A 64 -5.91 -29.24 -17.11
CA LEU A 64 -5.30 -30.54 -16.74
C LEU A 64 -5.00 -30.62 -15.24
N THR A 65 -4.62 -29.50 -14.63
CA THR A 65 -4.33 -29.54 -13.18
C THR A 65 -5.52 -29.97 -12.39
N GLU A 66 -6.63 -29.29 -12.62
CA GLU A 66 -7.85 -29.67 -11.90
C GLU A 66 -8.21 -31.12 -12.21
N THR A 67 -8.05 -31.53 -13.47
CA THR A 67 -8.39 -32.91 -13.79
C THR A 67 -7.51 -33.91 -13.03
N TYR A 68 -6.20 -33.66 -12.94
CA TYR A 68 -5.30 -34.55 -12.20
C TYR A 68 -5.69 -34.60 -10.73
N VAL A 69 -6.06 -33.43 -10.18
CA VAL A 69 -6.42 -33.39 -8.77
C VAL A 69 -7.73 -34.13 -8.58
N GLY A 70 -8.67 -33.94 -9.49
CA GLY A 70 -9.91 -34.67 -9.39
C GLY A 70 -9.73 -36.17 -9.49
N ASN A 71 -8.82 -36.60 -10.37
CA ASN A 71 -8.60 -38.02 -10.49
C ASN A 71 -8.04 -38.58 -9.21
N TRP A 72 -7.25 -37.80 -8.51
CA TRP A 72 -6.70 -38.23 -7.22
C TRP A 72 -7.77 -38.24 -6.16
N LEU A 73 -8.59 -37.20 -6.15
CA LEU A 73 -9.65 -37.11 -5.16
C LEU A 73 -10.58 -38.32 -5.30
N ALA A 74 -10.83 -38.74 -6.53
CA ALA A 74 -11.77 -39.82 -6.77
C ALA A 74 -11.25 -41.11 -6.12
N LYS A 75 -9.93 -41.28 -6.06
CA LYS A 75 -9.29 -42.51 -5.57
C LYS A 75 -9.03 -42.45 -4.10
N HIS A 76 -8.47 -41.34 -3.65
CA HIS A 76 -8.06 -41.35 -2.26
C HIS A 76 -9.19 -41.05 -1.27
N GLY A 77 -10.29 -40.53 -1.77
CA GLY A 77 -11.44 -40.33 -0.88
C GLY A 77 -11.05 -39.34 0.26
N SER A 78 -11.75 -39.42 1.40
CA SER A 78 -11.59 -38.49 2.55
C SER A 78 -11.61 -37.04 2.10
N ARG A 79 -12.33 -36.81 1.02
CA ARG A 79 -12.58 -35.47 0.45
C ARG A 79 -12.89 -34.39 1.51
N GLU A 80 -13.71 -34.76 2.48
CA GLU A 80 -14.18 -33.79 3.45
C GLU A 80 -13.06 -33.18 4.28
N LYS A 81 -11.94 -33.89 4.39
CA LYS A 81 -10.91 -33.30 5.20
C LYS A 81 -10.08 -32.28 4.44
N LEU A 82 -10.25 -32.25 3.14
CA LEU A 82 -9.42 -31.33 2.35
C LEU A 82 -10.10 -29.99 2.13
N ILE A 83 -9.28 -28.96 1.88
CA ILE A 83 -9.80 -27.63 1.54
C ILE A 83 -9.29 -27.41 0.14
N ILE A 84 -10.20 -27.62 -0.81
CA ILE A 84 -9.89 -27.52 -2.24
C ILE A 84 -10.25 -26.09 -2.63
N ALA A 85 -9.24 -25.34 -3.09
CA ALA A 85 -9.43 -23.95 -3.41
C ALA A 85 -9.18 -23.84 -4.91
N SER A 86 -10.11 -23.26 -5.65
CA SER A 86 -9.85 -23.05 -7.08
C SER A 86 -10.11 -21.58 -7.40
N LYS A 87 -10.07 -21.25 -8.68
CA LYS A 87 -10.16 -19.85 -9.12
C LYS A 87 -10.87 -19.76 -10.45
N VAL A 88 -11.57 -18.64 -10.61
CA VAL A 88 -12.12 -18.23 -11.90
C VAL A 88 -11.21 -17.14 -12.46
N SER A 89 -10.85 -17.28 -13.74
CA SER A 89 -9.95 -16.30 -14.38
C SER A 89 -10.58 -14.91 -14.46
N GLY A 90 -9.74 -13.90 -14.32
CA GLY A 90 -10.14 -12.51 -14.65
C GLY A 90 -10.12 -12.38 -16.18
N PRO A 91 -10.35 -11.16 -16.66
CA PRO A 91 -10.32 -10.90 -18.10
C PRO A 91 -9.00 -11.33 -18.68
N SER A 92 -9.02 -11.80 -19.93
CA SER A 92 -7.78 -12.31 -20.50
C SER A 92 -6.70 -11.25 -20.46
N ARG A 93 -5.50 -11.71 -20.16
CA ARG A 93 -4.39 -10.78 -19.97
C ARG A 93 -3.05 -11.35 -20.47
N ASN A 94 -2.05 -10.47 -20.52
CA ASN A 94 -0.66 -10.87 -20.82
C ASN A 94 -0.50 -11.58 -22.15
N ASN A 95 -1.39 -11.25 -23.09
CA ASN A 95 -1.39 -11.89 -24.41
C ASN A 95 -1.71 -13.38 -24.33
N ASP A 96 -2.21 -13.81 -23.19
CA ASP A 96 -2.57 -15.23 -23.10
C ASP A 96 -3.97 -15.42 -23.72
N LYS A 97 -4.20 -16.63 -24.22
CA LYS A 97 -5.45 -17.00 -24.84
C LYS A 97 -6.54 -17.13 -23.78
N GLY A 98 -7.74 -16.67 -24.07
CA GLY A 98 -8.80 -16.81 -23.07
C GLY A 98 -9.31 -18.25 -23.01
N ILE A 99 -10.08 -18.52 -21.98
CA ILE A 99 -10.78 -19.79 -21.87
C ILE A 99 -12.18 -19.64 -22.48
N ARG A 100 -12.79 -18.50 -22.25
CA ARG A 100 -14.13 -18.20 -22.80
C ARG A 100 -14.08 -16.90 -23.62
N PRO A 101 -14.98 -16.77 -24.59
CA PRO A 101 -15.09 -15.55 -25.39
C PRO A 101 -15.42 -14.36 -24.50
N ASP A 102 -14.72 -13.24 -24.70
CA ASP A 102 -14.94 -11.98 -23.98
C ASP A 102 -15.13 -12.24 -22.48
N GLN A 103 -14.15 -12.94 -21.99
CA GLN A 103 -14.10 -13.39 -20.63
C GLN A 103 -14.10 -12.20 -19.67
N ALA A 104 -15.00 -12.30 -18.68
CA ALA A 104 -15.18 -11.27 -17.66
C ALA A 104 -15.63 -11.93 -16.36
N LEU A 105 -15.64 -11.15 -15.28
CA LEU A 105 -16.06 -11.67 -13.97
C LEU A 105 -17.53 -11.38 -13.69
N ASP A 106 -18.37 -11.73 -14.68
CA ASP A 106 -19.81 -11.57 -14.56
C ASP A 106 -20.47 -12.93 -14.34
N ARG A 107 -21.78 -12.89 -14.15
CA ARG A 107 -22.50 -14.11 -13.78
C ARG A 107 -22.35 -15.22 -14.81
N LYS A 108 -22.48 -14.90 -16.11
CA LYS A 108 -22.36 -15.92 -17.14
C LYS A 108 -21.02 -16.65 -17.14
N ASN A 109 -19.95 -15.88 -17.04
CA ASN A 109 -18.62 -16.51 -16.99
C ASN A 109 -18.40 -17.27 -15.71
N ILE A 110 -18.82 -16.71 -14.59
CA ILE A 110 -18.58 -17.42 -13.31
C ILE A 110 -19.36 -18.73 -13.24
N ARG A 111 -20.61 -18.70 -13.74
CA ARG A 111 -21.42 -19.92 -13.74
C ARG A 111 -20.71 -21.02 -14.54
N GLU A 112 -20.25 -20.67 -15.73
CA GLU A 112 -19.61 -21.64 -16.61
C GLU A 112 -18.30 -22.15 -16.04
N ALA A 113 -17.49 -21.22 -15.53
CA ALA A 113 -16.20 -21.59 -14.96
C ALA A 113 -16.33 -22.55 -13.78
N LEU A 114 -17.24 -22.19 -12.89
CA LEU A 114 -17.41 -22.98 -11.68
C LEU A 114 -17.89 -24.36 -12.03
N HIS A 115 -18.83 -24.46 -12.97
CA HIS A 115 -19.33 -25.81 -13.27
C HIS A 115 -18.29 -26.69 -13.93
N ASP A 116 -17.45 -26.08 -14.75
CA ASP A 116 -16.42 -26.83 -15.45
C ASP A 116 -15.35 -27.24 -14.43
N SER A 117 -14.99 -26.35 -13.50
CA SER A 117 -14.06 -26.73 -12.43
C SER A 117 -14.59 -27.88 -11.57
N LEU A 118 -15.87 -27.83 -11.19
CA LEU A 118 -16.43 -28.89 -10.32
C LEU A 118 -16.40 -30.20 -11.07
N LYS A 119 -16.68 -30.15 -12.38
CA LYS A 119 -16.64 -31.38 -13.17
C LYS A 119 -15.24 -31.97 -13.24
N ARG A 120 -14.23 -31.15 -13.51
CA ARG A 120 -12.88 -31.70 -13.55
C ARG A 120 -12.40 -32.19 -12.18
N LEU A 121 -12.77 -31.48 -11.12
CA LEU A 121 -12.31 -31.82 -9.77
C LEU A 121 -13.10 -32.98 -9.18
N GLN A 122 -14.15 -33.39 -9.88
CA GLN A 122 -14.95 -34.56 -9.46
C GLN A 122 -15.51 -34.42 -8.04
N THR A 123 -15.99 -33.22 -7.72
CA THR A 123 -16.60 -33.00 -6.44
C THR A 123 -17.79 -32.08 -6.61
N ASP A 124 -18.70 -32.06 -5.63
CA ASP A 124 -19.91 -31.28 -5.76
C ASP A 124 -19.77 -29.86 -5.22
N TYR A 125 -18.66 -29.58 -4.54
CA TYR A 125 -18.47 -28.25 -4.00
C TYR A 125 -16.97 -27.93 -3.94
N LEU A 126 -16.68 -26.64 -3.91
CA LEU A 126 -15.30 -26.15 -3.59
C LEU A 126 -15.31 -25.56 -2.20
N ASP A 127 -14.21 -25.71 -1.47
CA ASP A 127 -14.14 -25.12 -0.16
C ASP A 127 -13.86 -23.64 -0.27
N LEU A 128 -13.09 -23.25 -1.28
CA LEU A 128 -12.78 -21.84 -1.42
C LEU A 128 -12.76 -21.53 -2.91
N TYR A 129 -13.48 -20.50 -3.35
CA TYR A 129 -13.41 -20.16 -4.78
C TYR A 129 -12.96 -18.73 -4.82
N GLN A 130 -11.98 -18.48 -5.68
CA GLN A 130 -11.28 -17.22 -5.67
C GLN A 130 -11.31 -16.51 -7.02
N VAL A 131 -11.45 -15.19 -6.97
CA VAL A 131 -11.38 -14.36 -8.18
C VAL A 131 -9.90 -14.24 -8.53
N HIS A 132 -9.46 -14.84 -9.66
CA HIS A 132 -8.04 -15.03 -9.90
C HIS A 132 -7.29 -13.70 -10.06
N TRP A 133 -7.88 -12.74 -10.77
CA TRP A 133 -7.29 -11.37 -10.77
C TRP A 133 -8.41 -10.41 -11.06
N PRO A 134 -8.23 -9.13 -10.72
CA PRO A 134 -9.35 -8.18 -10.87
C PRO A 134 -9.77 -7.89 -12.33
N GLN A 135 -11.06 -7.57 -12.43
CA GLN A 135 -11.63 -7.09 -13.69
C GLN A 135 -10.99 -5.75 -14.11
N ARG A 136 -10.82 -4.84 -13.15
CA ARG A 136 -10.26 -3.51 -13.41
C ARG A 136 -8.73 -3.60 -13.49
N PRO A 137 -8.11 -2.71 -14.25
CA PRO A 137 -6.64 -2.67 -14.30
C PRO A 137 -6.10 -2.13 -12.96
N THR A 138 -5.18 -2.86 -12.30
CA THR A 138 -4.66 -2.31 -11.05
C THR A 138 -3.24 -2.81 -10.85
N ASN A 139 -2.68 -2.49 -9.69
CA ASN A 139 -1.28 -2.79 -9.46
C ASN A 139 -1.08 -4.19 -8.91
N CYS A 140 -1.00 -5.11 -9.85
CA CYS A 140 -0.71 -6.52 -9.61
C CYS A 140 0.18 -6.98 -10.76
N PHE A 141 0.67 -8.20 -10.66
CA PHE A 141 1.41 -8.84 -11.78
C PHE A 141 2.53 -7.95 -12.33
N GLY A 142 3.43 -7.50 -11.46
CA GLY A 142 4.62 -6.83 -11.91
C GLY A 142 4.57 -5.32 -11.82
N LYS A 143 3.44 -4.77 -11.36
CA LYS A 143 3.30 -3.32 -11.24
C LYS A 143 3.21 -2.99 -9.76
N LEU A 144 4.22 -2.30 -9.25
CA LEU A 144 4.23 -1.99 -7.82
C LEU A 144 3.22 -0.93 -7.42
N GLY A 145 3.25 0.22 -8.09
CA GLY A 145 2.33 1.28 -7.74
C GLY A 145 1.18 1.36 -8.74
N TYR A 146 0.07 1.89 -8.25
CA TYR A 146 -1.13 2.00 -9.08
C TYR A 146 -1.06 3.18 -10.06
N SER A 147 -1.46 2.91 -11.30
CA SER A 147 -1.60 3.93 -12.32
C SER A 147 -3.07 4.24 -12.55
N TRP A 148 -3.42 5.51 -12.58
CA TRP A 148 -4.77 5.90 -12.87
C TRP A 148 -5.25 5.41 -14.18
N THR A 149 -6.52 5.02 -14.22
CA THR A 149 -7.09 4.46 -15.46
C THR A 149 -8.07 5.47 -15.99
N ASP A 150 -8.45 5.36 -17.26
CA ASP A 150 -9.49 6.27 -17.70
C ASP A 150 -10.83 5.54 -17.81
N SER A 151 -10.77 4.31 -18.31
CA SER A 151 -11.94 3.45 -18.49
C SER A 151 -12.52 2.82 -17.20
N ALA A 152 -13.79 3.07 -16.91
CA ALA A 152 -14.43 2.40 -15.80
C ALA A 152 -14.49 0.95 -16.23
N PRO A 153 -14.33 0.01 -15.31
CA PRO A 153 -14.45 -1.40 -15.69
C PRO A 153 -15.90 -1.78 -16.04
N ALA A 154 -16.01 -2.79 -16.92
CA ALA A 154 -17.26 -3.33 -17.49
C ALA A 154 -18.16 -4.11 -16.53
N VAL A 155 -17.60 -4.49 -15.42
CA VAL A 155 -18.25 -5.36 -14.49
C VAL A 155 -17.67 -4.86 -13.19
N SER A 156 -18.54 -4.53 -12.24
CA SER A 156 -18.09 -3.94 -10.98
C SER A 156 -17.80 -5.01 -9.94
N LEU A 157 -17.17 -4.61 -8.84
CA LEU A 157 -17.00 -5.60 -7.74
C LEU A 157 -18.37 -6.10 -7.23
N LEU A 158 -19.39 -5.25 -7.17
CA LEU A 158 -20.70 -5.69 -6.71
C LEU A 158 -21.26 -6.74 -7.69
N ASP A 159 -21.11 -6.52 -8.99
CA ASP A 159 -21.53 -7.50 -9.99
C ASP A 159 -20.92 -8.87 -9.67
N THR A 160 -19.61 -8.83 -9.44
CA THR A 160 -18.89 -10.10 -9.22
C THR A 160 -19.34 -10.76 -7.91
N LEU A 161 -19.44 -9.96 -6.86
CA LEU A 161 -19.81 -10.51 -5.56
C LEU A 161 -21.24 -11.04 -5.57
N ASP A 162 -22.14 -10.36 -6.32
CA ASP A 162 -23.51 -10.84 -6.35
C ASP A 162 -23.60 -12.19 -7.05
N ALA A 163 -22.79 -12.36 -8.08
CA ALA A 163 -22.77 -13.59 -8.84
C ALA A 163 -22.25 -14.72 -7.98
N LEU A 164 -21.14 -14.49 -7.29
CA LEU A 164 -20.59 -15.51 -6.40
C LEU A 164 -21.57 -15.92 -5.29
N ALA A 165 -22.28 -14.95 -4.75
CA ALA A 165 -23.24 -15.17 -3.69
C ALA A 165 -24.28 -16.22 -4.10
N GLU A 166 -24.70 -16.21 -5.36
CA GLU A 166 -25.66 -17.19 -5.80
C GLU A 166 -25.15 -18.62 -5.64
N TYR A 167 -23.87 -18.80 -5.98
CA TYR A 167 -23.31 -20.18 -5.94
C TYR A 167 -22.90 -20.61 -4.53
N GLN A 168 -22.69 -19.64 -3.66
CA GLN A 168 -22.47 -19.92 -2.25
C GLN A 168 -23.78 -20.37 -1.63
N ARG A 169 -24.87 -19.69 -1.99
CA ARG A 169 -26.19 -20.07 -1.46
C ARG A 169 -26.52 -21.47 -1.91
N ALA A 170 -26.11 -21.78 -3.14
CA ALA A 170 -26.38 -23.10 -3.70
C ALA A 170 -25.50 -24.20 -3.10
N GLY A 171 -24.48 -23.82 -2.35
CA GLY A 171 -23.64 -24.79 -1.67
C GLY A 171 -22.53 -25.32 -2.56
N LYS A 172 -22.40 -24.70 -3.75
CA LYS A 172 -21.35 -25.10 -4.68
C LYS A 172 -19.98 -24.53 -4.28
N ILE A 173 -20.00 -23.46 -3.52
CA ILE A 173 -18.77 -22.89 -2.93
C ILE A 173 -19.01 -22.62 -1.44
N ARG A 174 -18.08 -23.00 -0.56
CA ARG A 174 -18.27 -22.71 0.85
C ARG A 174 -17.90 -21.25 1.17
N TYR A 175 -16.69 -20.88 0.77
CA TYR A 175 -16.14 -19.54 1.05
C TYR A 175 -15.62 -18.90 -0.24
N ILE A 176 -15.58 -17.56 -0.24
CA ILE A 176 -15.07 -16.86 -1.38
C ILE A 176 -13.84 -16.05 -0.98
N GLY A 177 -12.92 -15.97 -1.91
CA GLY A 177 -11.67 -15.25 -1.70
C GLY A 177 -11.31 -14.46 -2.96
N VAL A 178 -10.31 -13.60 -2.81
CA VAL A 178 -9.84 -12.86 -3.98
C VAL A 178 -8.36 -13.17 -4.18
N SER A 179 -7.83 -12.74 -5.31
CA SER A 179 -6.41 -12.98 -5.61
C SER A 179 -5.86 -11.79 -6.44
N ASN A 180 -4.56 -11.48 -6.23
CA ASN A 180 -3.97 -10.33 -6.94
C ASN A 180 -4.79 -9.07 -6.77
N GLU A 181 -5.26 -8.86 -5.55
CA GLU A 181 -6.05 -7.69 -5.24
C GLU A 181 -5.26 -6.66 -4.46
N THR A 182 -5.93 -5.57 -4.13
CA THR A 182 -5.26 -4.46 -3.44
C THR A 182 -6.06 -4.07 -2.18
N ALA A 183 -5.50 -3.14 -1.41
CA ALA A 183 -6.21 -2.73 -0.19
C ALA A 183 -7.56 -2.11 -0.54
N PHE A 184 -7.58 -1.27 -1.56
CA PHE A 184 -8.85 -0.72 -1.99
C PHE A 184 -9.86 -1.81 -2.34
N GLY A 185 -9.40 -2.78 -3.15
CA GLY A 185 -10.35 -3.78 -3.59
C GLY A 185 -10.91 -4.59 -2.43
N VAL A 186 -10.02 -5.04 -1.54
CA VAL A 186 -10.50 -5.81 -0.38
C VAL A 186 -11.50 -5.01 0.43
N MET A 187 -11.17 -3.75 0.72
CA MET A 187 -12.09 -2.96 1.53
C MET A 187 -13.43 -2.72 0.86
N ARG A 188 -13.40 -2.59 -0.47
CA ARG A 188 -14.66 -2.42 -1.23
C ARG A 188 -15.49 -3.69 -1.12
N TYR A 189 -14.87 -4.85 -1.30
CA TYR A 189 -15.66 -6.08 -1.20
C TYR A 189 -16.27 -6.16 0.21
N LEU A 190 -15.52 -5.75 1.22
CA LEU A 190 -16.02 -5.85 2.59
C LEU A 190 -17.15 -4.86 2.84
N HIS A 191 -17.01 -3.65 2.30
CA HIS A 191 -18.06 -2.63 2.39
C HIS A 191 -19.37 -3.15 1.77
N LEU A 192 -19.24 -3.75 0.59
CA LEU A 192 -20.39 -4.24 -0.16
C LEU A 192 -21.05 -5.38 0.58
N ALA A 193 -20.26 -6.27 1.22
CA ALA A 193 -20.85 -7.40 1.94
C ALA A 193 -21.78 -6.87 3.03
N ASP A 194 -21.32 -5.82 3.70
CA ASP A 194 -22.06 -5.26 4.83
C ASP A 194 -23.29 -4.49 4.36
N LYS A 195 -23.07 -3.66 3.34
CA LYS A 195 -24.12 -2.80 2.81
C LYS A 195 -25.27 -3.62 2.21
N HIS A 196 -24.92 -4.69 1.48
CA HIS A 196 -25.90 -5.46 0.70
C HIS A 196 -26.25 -6.84 1.26
N ASP A 197 -25.77 -7.16 2.47
CA ASP A 197 -25.98 -8.47 3.07
C ASP A 197 -25.53 -9.58 2.12
N LEU A 198 -24.28 -9.48 1.70
CA LEU A 198 -23.67 -10.45 0.78
C LEU A 198 -22.50 -11.10 1.53
N PRO A 199 -22.00 -12.21 1.01
CA PRO A 199 -20.94 -12.94 1.69
C PRO A 199 -19.70 -12.06 1.83
N ARG A 200 -18.92 -12.36 2.83
CA ARG A 200 -17.74 -11.59 3.14
C ARG A 200 -16.60 -12.42 2.64
N ILE A 201 -15.72 -11.86 1.79
CA ILE A 201 -14.51 -12.61 1.40
C ILE A 201 -13.66 -12.88 2.63
N VAL A 202 -12.96 -14.04 2.63
CA VAL A 202 -12.22 -14.40 3.82
C VAL A 202 -10.73 -14.44 3.62
N THR A 203 -10.31 -14.55 2.35
CA THR A 203 -8.87 -14.63 2.08
C THR A 203 -8.51 -13.80 0.86
N ILE A 204 -7.23 -13.43 0.82
CA ILE A 204 -6.62 -12.85 -0.37
C ILE A 204 -5.38 -13.67 -0.67
N GLN A 205 -5.27 -14.08 -1.93
CA GLN A 205 -4.10 -14.86 -2.38
C GLN A 205 -3.22 -13.94 -3.23
N ASN A 206 -2.17 -13.43 -2.61
CA ASN A 206 -1.28 -12.46 -3.24
C ASN A 206 0.17 -12.99 -3.17
N PRO A 207 1.05 -12.47 -4.03
CA PRO A 207 2.45 -12.86 -3.97
C PRO A 207 3.01 -12.29 -2.65
N TYR A 208 3.83 -13.06 -1.97
CA TYR A 208 4.52 -12.53 -0.80
C TYR A 208 5.81 -13.32 -0.61
N SER A 209 6.93 -12.60 -0.59
CA SER A 209 8.21 -13.23 -0.38
C SER A 209 9.20 -12.17 0.01
N LEU A 210 10.43 -12.61 0.30
CA LEU A 210 11.48 -11.63 0.54
C LEU A 210 11.58 -10.57 -0.57
N LEU A 211 11.24 -10.97 -1.80
CA LEU A 211 11.39 -10.11 -3.02
C LEU A 211 10.15 -9.24 -3.30
N ASN A 212 9.04 -9.56 -2.63
CA ASN A 212 7.84 -8.74 -2.78
C ASN A 212 7.05 -8.73 -1.48
N ARG A 213 7.39 -7.78 -0.60
CA ARG A 213 6.71 -7.61 0.68
C ARG A 213 5.71 -6.45 0.61
N SER A 214 5.32 -6.06 -0.60
CA SER A 214 4.48 -4.87 -0.73
C SER A 214 3.09 -5.03 -0.09
N PHE A 215 2.68 -6.27 0.16
CA PHE A 215 1.44 -6.50 0.92
C PHE A 215 1.49 -5.68 2.22
N GLU A 216 2.68 -5.42 2.76
CA GLU A 216 2.76 -4.73 4.04
C GLU A 216 2.32 -3.25 3.98
N VAL A 217 2.33 -2.60 2.82
CA VAL A 217 2.02 -1.19 2.77
C VAL A 217 0.55 -0.89 3.00
N GLY A 218 -0.30 -1.69 2.39
CA GLY A 218 -1.75 -1.41 2.55
C GLY A 218 -2.58 -2.58 3.05
N LEU A 219 -2.16 -3.79 2.72
CA LEU A 219 -3.00 -4.98 2.99
C LEU A 219 -2.80 -5.64 4.36
N ALA A 220 -1.61 -5.56 4.92
CA ALA A 220 -1.41 -6.20 6.23
C ALA A 220 -2.32 -5.62 7.29
N GLU A 221 -2.55 -4.31 7.23
CA GLU A 221 -3.44 -3.66 8.20
C GLU A 221 -4.90 -4.10 8.01
N VAL A 222 -5.33 -4.21 6.75
CA VAL A 222 -6.64 -4.78 6.45
C VAL A 222 -6.73 -6.17 7.03
N SER A 223 -5.67 -6.98 6.89
CA SER A 223 -5.74 -8.34 7.47
C SER A 223 -5.96 -8.31 8.99
N GLN A 224 -5.26 -7.41 9.67
CA GLN A 224 -5.39 -7.37 11.13
C GLN A 224 -6.78 -6.96 11.58
N TYR A 225 -7.31 -5.88 11.00
CA TYR A 225 -8.60 -5.36 11.49
C TYR A 225 -9.81 -6.08 10.91
N GLU A 226 -9.68 -6.61 9.69
CA GLU A 226 -10.84 -7.20 9.04
C GLU A 226 -10.82 -8.73 9.00
N GLY A 227 -9.64 -9.29 9.17
CA GLY A 227 -9.59 -10.74 9.23
C GLY A 227 -9.45 -11.41 7.89
N VAL A 228 -9.24 -10.60 6.84
CA VAL A 228 -9.05 -11.20 5.51
C VAL A 228 -7.58 -11.58 5.47
N GLU A 229 -7.33 -12.88 5.50
CA GLU A 229 -5.96 -13.33 5.66
C GLU A 229 -5.27 -13.75 4.35
N LEU A 230 -3.96 -13.63 4.38
CA LEU A 230 -3.15 -13.92 3.19
C LEU A 230 -2.83 -15.40 2.97
N LEU A 231 -3.13 -15.88 1.79
CA LEU A 231 -2.63 -17.19 1.29
C LEU A 231 -1.49 -16.73 0.42
N ALA A 232 -0.26 -16.88 0.90
CA ALA A 232 0.88 -16.31 0.15
C ALA A 232 1.33 -17.25 -0.95
N TYR A 233 1.61 -16.64 -2.12
CA TYR A 233 2.13 -17.38 -3.26
C TYR A 233 3.48 -16.94 -3.74
N SER A 234 4.14 -17.86 -4.46
CA SER A 234 5.51 -17.65 -4.98
C SER A 234 6.46 -17.17 -3.88
N CYS A 235 6.50 -17.93 -2.79
CA CYS A 235 7.25 -17.54 -1.62
C CYS A 235 8.74 -17.78 -1.86
N LEU A 236 9.09 -18.51 -2.92
CA LEU A 236 10.52 -18.65 -3.28
C LEU A 236 10.82 -17.79 -4.52
N GLY A 237 9.94 -16.86 -4.93
CA GLY A 237 10.24 -16.09 -6.14
C GLY A 237 10.44 -16.98 -7.36
N PHE A 238 9.56 -17.94 -7.55
CA PHE A 238 9.62 -18.90 -8.68
C PHE A 238 10.81 -19.89 -8.51
N GLY A 239 11.47 -19.91 -7.36
CA GLY A 239 12.64 -20.76 -7.14
C GLY A 239 13.93 -19.94 -7.12
N THR A 240 13.86 -18.63 -7.41
CA THR A 240 15.09 -17.84 -7.42
C THR A 240 15.66 -17.73 -6.04
N LEU A 241 14.82 -17.71 -5.00
CA LEU A 241 15.35 -17.55 -3.65
C LEU A 241 16.12 -18.79 -3.16
N THR A 242 16.15 -19.84 -3.97
CA THR A 242 16.89 -21.04 -3.56
C THR A 242 18.36 -20.79 -3.90
N GLY A 243 18.61 -19.78 -4.72
CA GLY A 243 19.96 -19.48 -5.21
C GLY A 243 20.36 -20.28 -6.44
N LYS A 244 19.44 -21.07 -6.99
CA LYS A 244 19.84 -21.98 -8.10
C LYS A 244 20.23 -21.27 -9.40
N TYR A 245 19.93 -19.98 -9.56
CA TYR A 245 20.26 -19.28 -10.80
C TYR A 245 21.43 -18.29 -10.58
N LEU A 246 22.03 -18.34 -9.40
CA LEU A 246 23.08 -17.35 -9.13
C LEU A 246 24.27 -17.54 -10.05
N ASN A 247 24.94 -16.43 -10.36
CA ASN A 247 26.17 -16.47 -11.17
C ASN A 247 25.93 -17.10 -12.54
N GLY A 248 24.86 -16.68 -13.18
CA GLY A 248 24.55 -17.16 -14.51
C GLY A 248 24.09 -18.61 -14.70
N ALA A 249 23.89 -19.34 -13.60
CA ALA A 249 23.49 -20.75 -13.72
C ALA A 249 22.09 -20.93 -14.30
N LYS A 250 21.95 -21.92 -15.18
CA LYS A 250 20.67 -22.31 -15.76
C LYS A 250 20.55 -23.81 -15.64
N PRO A 251 20.18 -24.25 -14.46
CA PRO A 251 20.04 -25.68 -14.20
C PRO A 251 19.00 -26.32 -15.11
N ALA A 252 19.36 -27.48 -15.63
CA ALA A 252 18.48 -28.22 -16.48
C ALA A 252 17.23 -28.62 -15.72
N GLY A 253 16.13 -28.40 -16.40
CA GLY A 253 14.84 -28.78 -15.92
C GLY A 253 14.24 -27.71 -15.02
N ALA A 254 14.96 -26.63 -14.72
CA ALA A 254 14.34 -25.62 -13.81
C ALA A 254 13.41 -24.66 -14.56
N ARG A 255 12.41 -24.16 -13.84
CA ARG A 255 11.41 -23.30 -14.43
C ARG A 255 11.96 -22.25 -15.37
N ASN A 256 12.91 -21.45 -14.88
CA ASN A 256 13.37 -20.31 -15.67
C ASN A 256 14.32 -20.68 -16.81
N THR A 257 14.85 -21.90 -16.75
CA THR A 257 15.72 -22.45 -17.78
C THR A 257 14.83 -22.95 -18.92
N LEU A 258 13.79 -23.70 -18.55
CA LEU A 258 12.82 -24.19 -19.54
C LEU A 258 11.93 -23.07 -20.13
N PHE A 259 11.46 -22.17 -19.29
CA PHE A 259 10.47 -21.20 -19.73
C PHE A 259 10.95 -19.79 -19.49
N SER A 260 11.66 -19.26 -20.46
CA SER A 260 12.26 -17.94 -20.35
C SER A 260 11.24 -16.84 -20.36
N ARG A 261 9.96 -17.14 -20.47
CA ARG A 261 8.94 -16.09 -20.46
C ARG A 261 8.67 -15.62 -19.03
N PHE A 262 9.04 -16.45 -18.08
CA PHE A 262 8.79 -16.16 -16.65
C PHE A 262 9.89 -15.18 -16.22
N THR A 263 9.58 -13.90 -16.17
CA THR A 263 10.61 -12.91 -15.81
C THR A 263 10.32 -12.14 -14.51
N ARG A 264 9.23 -12.48 -13.82
CA ARG A 264 8.83 -11.69 -12.68
C ARG A 264 9.92 -11.53 -11.64
N TYR A 265 10.78 -12.55 -11.52
CA TYR A 265 11.83 -12.53 -10.49
C TYR A 265 13.24 -12.49 -11.07
N SER A 266 13.34 -11.89 -12.25
CA SER A 266 14.59 -11.83 -13.00
C SER A 266 15.13 -10.43 -13.20
N GLY A 267 14.53 -9.41 -12.59
CA GLY A 267 15.04 -8.07 -12.80
C GLY A 267 16.38 -7.85 -12.17
N GLU A 268 17.08 -6.81 -12.63
CA GLU A 268 18.43 -6.54 -12.13
C GLU A 268 18.51 -6.37 -10.62
N GLN A 269 17.62 -5.58 -10.06
CA GLN A 269 17.65 -5.39 -8.62
C GLN A 269 17.24 -6.67 -7.87
N THR A 270 16.27 -7.37 -8.43
CA THR A 270 15.86 -8.63 -7.84
C THR A 270 17.04 -9.61 -7.73
N GLN A 271 17.82 -9.73 -8.80
CA GLN A 271 18.93 -10.66 -8.81
C GLN A 271 19.98 -10.28 -7.76
N LYS A 272 20.20 -8.99 -7.59
CA LYS A 272 21.08 -8.55 -6.49
C LYS A 272 20.54 -8.89 -5.11
N ALA A 273 19.23 -8.73 -4.94
CA ALA A 273 18.62 -9.04 -3.65
C ALA A 273 18.71 -10.54 -3.38
N VAL A 274 18.49 -11.34 -4.43
CA VAL A 274 18.56 -12.79 -4.23
C VAL A 274 19.97 -13.15 -3.72
N ALA A 275 21.00 -12.64 -4.37
CA ALA A 275 22.36 -12.95 -3.93
C ALA A 275 22.54 -12.53 -2.49
N ALA A 276 22.00 -11.38 -2.11
CA ALA A 276 22.12 -10.94 -0.70
C ALA A 276 21.41 -11.86 0.29
N TYR A 277 20.20 -12.30 -0.07
CA TYR A 277 19.51 -13.22 0.85
C TYR A 277 20.15 -14.60 0.96
N VAL A 278 20.59 -15.10 -0.18
CA VAL A 278 21.25 -16.38 -0.16
C VAL A 278 22.52 -16.30 0.71
N ASP A 279 23.19 -15.16 0.64
CA ASP A 279 24.38 -14.94 1.48
C ASP A 279 24.04 -14.96 2.96
N ILE A 280 22.93 -14.34 3.35
CA ILE A 280 22.52 -14.41 4.76
C ILE A 280 22.31 -15.87 5.15
N ALA A 281 21.58 -16.57 4.30
CA ALA A 281 21.31 -17.98 4.62
C ALA A 281 22.61 -18.78 4.80
N ARG A 282 23.53 -18.66 3.83
CA ARG A 282 24.73 -19.45 3.86
C ARG A 282 25.56 -19.11 5.10
N ARG A 283 25.63 -17.82 5.44
CA ARG A 283 26.42 -17.47 6.62
C ARG A 283 25.84 -17.99 7.92
N HIS A 284 24.51 -18.10 8.01
CA HIS A 284 23.81 -18.60 9.20
C HIS A 284 23.47 -20.10 9.19
N GLY A 285 24.05 -20.81 8.22
CA GLY A 285 23.86 -22.25 8.12
C GLY A 285 22.47 -22.66 7.72
N LEU A 286 21.73 -21.77 7.06
CA LEU A 286 20.35 -22.11 6.70
C LEU A 286 20.29 -22.47 5.24
N ASP A 287 19.27 -23.26 4.90
CA ASP A 287 18.99 -23.55 3.51
C ASP A 287 18.22 -22.34 2.98
N PRO A 288 18.65 -21.72 1.88
CA PRO A 288 18.01 -20.47 1.43
C PRO A 288 16.53 -20.62 1.20
N ALA A 289 16.11 -21.75 0.67
CA ALA A 289 14.70 -21.99 0.44
C ALA A 289 13.98 -22.04 1.76
N GLN A 290 14.53 -22.75 2.74
CA GLN A 290 13.83 -22.82 3.99
C GLN A 290 13.77 -21.46 4.71
N MET A 291 14.88 -20.68 4.64
CA MET A 291 14.84 -19.36 5.26
C MET A 291 13.73 -18.51 4.62
N ALA A 292 13.64 -18.54 3.29
CA ALA A 292 12.63 -17.73 2.57
C ALA A 292 11.21 -18.14 3.03
N LEU A 293 11.00 -19.44 3.17
CA LEU A 293 9.69 -19.92 3.59
C LEU A 293 9.39 -19.58 5.02
N ALA A 294 10.38 -19.77 5.91
CA ALA A 294 10.16 -19.46 7.32
C ALA A 294 9.88 -17.96 7.53
N PHE A 295 10.49 -17.10 6.72
CA PHE A 295 10.21 -15.67 6.81
C PHE A 295 8.74 -15.41 6.55
N VAL A 296 8.17 -16.05 5.50
CA VAL A 296 6.75 -15.84 5.23
C VAL A 296 5.86 -16.42 6.33
N ARG A 297 6.21 -17.60 6.83
CA ARG A 297 5.34 -18.28 7.80
C ARG A 297 5.15 -17.49 9.09
N ARG A 298 6.20 -16.79 9.48
CA ARG A 298 6.15 -16.10 10.77
C ARG A 298 5.30 -14.83 10.73
N GLN A 299 4.88 -14.38 9.53
CA GLN A 299 4.09 -13.13 9.49
C GLN A 299 2.70 -13.40 10.02
N PRO A 300 2.16 -12.51 10.87
CA PRO A 300 0.87 -12.74 11.52
C PRO A 300 -0.31 -12.67 10.58
N PHE A 301 -0.09 -12.06 9.41
CA PHE A 301 -1.18 -11.96 8.43
C PHE A 301 -1.23 -13.11 7.45
N VAL A 302 -0.26 -14.02 7.55
CA VAL A 302 -0.23 -15.15 6.63
C VAL A 302 -0.95 -16.33 7.27
N ALA A 303 -2.04 -16.77 6.65
CA ALA A 303 -2.75 -17.95 7.11
C ALA A 303 -2.08 -19.20 6.59
N SER A 304 -1.66 -19.20 5.32
CA SER A 304 -0.96 -20.35 4.81
C SER A 304 -0.03 -19.88 3.71
N THR A 305 1.03 -20.67 3.53
CA THR A 305 2.02 -20.52 2.47
C THR A 305 1.76 -21.56 1.40
N LEU A 306 1.55 -21.16 0.15
CA LEU A 306 1.25 -22.15 -0.93
C LEU A 306 2.58 -22.60 -1.53
N LEU A 307 2.99 -23.81 -1.22
CA LEU A 307 4.26 -24.32 -1.71
C LEU A 307 4.18 -24.71 -3.18
N GLY A 308 5.32 -24.64 -3.86
CA GLY A 308 5.44 -25.15 -5.22
C GLY A 308 6.63 -26.12 -5.24
N ALA A 309 6.50 -27.24 -5.95
CA ALA A 309 7.62 -28.20 -6.06
C ALA A 309 7.49 -28.92 -7.37
N THR A 310 8.62 -29.28 -8.01
CA THR A 310 8.53 -30.18 -9.17
C THR A 310 9.13 -31.53 -8.86
N THR A 311 9.72 -31.66 -7.69
CA THR A 311 10.21 -32.98 -7.29
C THR A 311 9.89 -33.28 -5.86
N MET A 312 9.92 -34.57 -5.54
CA MET A 312 9.60 -34.95 -4.17
C MET A 312 10.61 -34.45 -3.16
N ASP A 313 11.90 -34.40 -3.54
CA ASP A 313 12.90 -33.92 -2.60
C ASP A 313 12.67 -32.41 -2.28
N GLN A 314 12.25 -31.66 -3.30
CA GLN A 314 11.93 -30.23 -3.10
C GLN A 314 10.78 -30.14 -2.13
N LEU A 315 9.72 -30.92 -2.38
CA LEU A 315 8.56 -30.82 -1.50
C LEU A 315 8.91 -31.20 -0.06
N LYS A 316 9.72 -32.26 0.12
CA LYS A 316 10.18 -32.66 1.47
C LYS A 316 10.96 -31.53 2.18
N THR A 317 11.90 -30.90 1.48
CA THR A 317 12.68 -29.78 2.05
C THR A 317 11.77 -28.64 2.42
N ASN A 318 10.80 -28.38 1.54
CA ASN A 318 9.96 -27.19 1.76
C ASN A 318 9.03 -27.43 2.96
N ILE A 319 8.46 -28.64 3.09
CA ILE A 319 7.64 -28.89 4.26
C ILE A 319 8.44 -28.88 5.56
N GLU A 320 9.71 -29.32 5.49
CA GLU A 320 10.57 -29.30 6.65
C GLU A 320 10.91 -27.89 7.12
N SER A 321 10.66 -26.88 6.27
CA SER A 321 10.85 -25.53 6.71
C SER A 321 10.04 -25.17 7.94
N LEU A 322 8.99 -25.95 8.21
CA LEU A 322 8.10 -25.72 9.32
C LEU A 322 8.87 -25.62 10.61
N HIS A 323 9.97 -26.35 10.68
CA HIS A 323 10.70 -26.48 11.94
C HIS A 323 11.78 -25.43 12.12
N LEU A 324 11.99 -24.62 11.09
CA LEU A 324 12.98 -23.55 11.18
C LEU A 324 12.40 -22.30 11.81
N GLU A 325 13.06 -21.77 12.84
CA GLU A 325 12.60 -20.51 13.42
C GLU A 325 13.76 -19.52 13.26
N LEU A 326 13.48 -18.39 12.64
CA LEU A 326 14.54 -17.46 12.30
C LEU A 326 14.98 -16.67 13.53
N SER A 327 16.28 -16.52 13.63
CA SER A 327 16.88 -15.80 14.74
C SER A 327 16.72 -14.29 14.60
N GLU A 328 16.74 -13.60 15.74
CA GLU A 328 16.80 -12.14 15.76
C GLU A 328 17.89 -11.60 14.81
N ASP A 329 19.06 -12.21 14.78
CA ASP A 329 20.15 -11.72 13.91
C ASP A 329 19.88 -11.88 12.42
N VAL A 330 19.26 -13.00 12.06
CA VAL A 330 18.89 -13.22 10.67
C VAL A 330 17.80 -12.26 10.30
N LEU A 331 16.81 -12.06 11.18
CA LEU A 331 15.72 -11.12 10.86
C LEU A 331 16.24 -9.73 10.66
N ALA A 332 17.27 -9.34 11.42
CA ALA A 332 17.77 -7.98 11.26
C ALA A 332 18.56 -7.83 9.96
N GLU A 333 19.27 -8.88 9.55
CA GLU A 333 20.03 -8.83 8.32
C GLU A 333 19.07 -8.74 7.14
N ILE A 334 17.97 -9.48 7.20
CA ILE A 334 16.95 -9.43 6.17
C ILE A 334 16.40 -8.02 6.06
N GLU A 335 16.08 -7.42 7.20
CA GLU A 335 15.60 -6.03 7.17
C GLU A 335 16.62 -5.12 6.48
N ALA A 336 17.91 -5.25 6.81
CA ALA A 336 18.95 -4.45 6.16
C ALA A 336 19.03 -4.61 4.65
N VAL A 337 18.88 -5.86 4.14
CA VAL A 337 18.91 -6.06 2.72
C VAL A 337 17.64 -5.45 2.14
N HIS A 338 16.51 -5.54 2.86
CA HIS A 338 15.30 -5.05 2.25
C HIS A 338 15.31 -3.54 2.12
N GLN A 339 15.99 -2.87 3.05
CA GLN A 339 16.18 -1.41 2.90
C GLN A 339 16.93 -1.04 1.61
N VAL A 340 17.89 -1.87 1.20
CA VAL A 340 18.66 -1.60 -0.01
C VAL A 340 17.87 -1.98 -1.22
N TYR A 341 17.23 -3.16 -1.16
CA TYR A 341 16.37 -3.64 -2.25
C TYR A 341 14.89 -3.75 -1.82
N THR A 342 14.18 -2.62 -1.89
CA THR A 342 12.81 -2.58 -1.42
C THR A 342 11.85 -2.96 -2.53
N TYR A 343 11.00 -3.93 -2.25
CA TYR A 343 10.06 -4.44 -3.25
C TYR A 343 10.59 -4.53 -4.66
N PRO A 344 11.67 -5.28 -4.86
CA PRO A 344 12.27 -5.33 -6.20
C PRO A 344 11.48 -6.12 -7.24
N ALA A 345 10.63 -7.05 -6.83
CA ALA A 345 9.93 -7.89 -7.80
C ALA A 345 8.44 -7.88 -7.57
N PRO A 346 7.79 -6.79 -7.92
CA PRO A 346 6.31 -6.73 -7.73
C PRO A 346 5.51 -7.62 -8.70
N MET B 1 -1.93 30.93 -11.83
CA MET B 1 -2.18 29.77 -10.90
C MET B 1 -3.23 28.87 -11.51
N GLN B 2 -3.11 27.57 -11.24
CA GLN B 2 -4.07 26.56 -11.70
C GLN B 2 -4.86 26.14 -10.48
N TYR B 3 -6.12 25.75 -10.70
CA TYR B 3 -6.99 25.32 -9.61
C TYR B 3 -7.56 23.93 -9.86
N HIS B 4 -7.93 23.25 -8.79
CA HIS B 4 -8.50 21.93 -8.91
C HIS B 4 -9.69 21.73 -7.98
N ARG B 5 -10.79 21.20 -8.52
CA ARG B 5 -11.98 20.97 -7.72
C ARG B 5 -11.89 19.61 -7.06
N ILE B 6 -11.91 19.60 -5.73
CA ILE B 6 -11.85 18.32 -5.00
C ILE B 6 -13.21 17.60 -5.12
N PRO B 7 -13.19 16.31 -5.45
CA PRO B 7 -14.45 15.55 -5.63
C PRO B 7 -15.37 15.63 -4.44
N HIS B 8 -16.68 15.55 -4.68
CA HIS B 8 -17.62 15.70 -3.57
C HIS B 8 -17.32 16.90 -2.68
N SER B 9 -17.35 18.15 -3.14
CA SER B 9 -17.07 19.24 -2.21
C SER B 9 -17.18 20.47 -3.12
N SER B 10 -17.07 21.66 -2.53
CA SER B 10 -17.09 22.91 -3.28
C SER B 10 -15.69 23.44 -3.15
N LEU B 11 -14.74 22.62 -2.69
CA LEU B 11 -13.36 23.13 -2.51
C LEU B 11 -12.66 23.16 -3.82
N GLU B 12 -12.18 24.34 -4.21
CA GLU B 12 -11.43 24.43 -5.44
C GLU B 12 -10.12 24.98 -4.99
N VAL B 13 -9.11 24.12 -4.90
CA VAL B 13 -7.84 24.50 -4.33
C VAL B 13 -6.83 24.92 -5.38
N SER B 14 -6.01 25.91 -5.08
CA SER B 14 -4.88 26.17 -5.93
C SER B 14 -3.96 24.93 -5.99
N THR B 15 -3.32 24.72 -7.13
CA THR B 15 -2.50 23.53 -7.36
C THR B 15 -1.26 23.54 -6.47
N LEU B 16 -0.81 24.72 -6.06
CA LEU B 16 0.20 24.84 -5.03
C LEU B 16 -0.42 25.48 -3.82
N GLY B 17 -0.09 24.97 -2.62
CA GLY B 17 -0.61 25.54 -1.38
C GLY B 17 0.57 26.02 -0.55
N LEU B 18 0.30 26.84 0.45
CA LEU B 18 1.38 27.37 1.31
C LEU B 18 1.37 26.68 2.68
N GLY B 19 2.41 25.92 2.95
CA GLY B 19 2.67 25.33 4.26
C GLY B 19 3.30 26.41 5.14
N THR B 20 3.26 26.20 6.45
CA THR B 20 3.64 27.28 7.34
C THR B 20 4.43 26.80 8.56
N MET B 21 4.89 25.55 8.56
CA MET B 21 5.38 24.99 9.81
C MET B 21 6.69 25.61 10.36
N THR B 22 7.37 26.45 9.57
CA THR B 22 8.57 27.10 10.11
C THR B 22 8.20 28.47 10.72
N PHE B 23 6.93 28.86 10.61
CA PHE B 23 6.51 30.21 11.06
C PHE B 23 6.46 30.26 12.60
N GLY B 24 7.41 31.02 13.20
CA GLY B 24 7.55 31.05 14.65
C GLY B 24 8.80 30.35 15.18
N GLU B 25 9.51 29.66 14.29
CA GLU B 25 10.78 29.07 14.69
C GLU B 25 11.84 29.65 13.77
N GLN B 26 12.06 29.07 12.61
CA GLN B 26 13.06 29.70 11.77
C GLN B 26 12.60 31.03 11.22
N ASN B 27 11.29 31.16 10.98
CA ASN B 27 10.79 32.38 10.41
C ASN B 27 10.08 33.29 11.39
N SER B 28 10.34 34.58 11.27
CA SER B 28 9.67 35.57 12.13
C SER B 28 8.27 35.82 11.65
N GLU B 29 7.52 36.58 12.45
CA GLU B 29 6.20 36.99 11.99
C GLU B 29 6.26 37.83 10.72
N ALA B 30 7.22 38.75 10.63
CA ALA B 30 7.34 39.54 9.43
C ALA B 30 7.58 38.66 8.23
N ASP B 31 8.41 37.63 8.40
CA ASP B 31 8.66 36.70 7.31
C ASP B 31 7.36 36.01 6.93
N ALA B 32 6.65 35.53 7.95
CA ALA B 32 5.41 34.80 7.70
C ALA B 32 4.45 35.68 6.89
N HIS B 33 4.22 36.91 7.33
CA HIS B 33 3.30 37.77 6.59
C HIS B 33 3.75 38.06 5.15
N ALA B 34 5.06 38.18 4.94
CA ALA B 34 5.56 38.40 3.58
C ALA B 34 5.28 37.21 2.67
N GLN B 35 5.43 36.01 3.23
CA GLN B 35 5.12 34.82 2.44
C GLN B 35 3.64 34.71 2.14
N LEU B 36 2.80 34.98 3.12
CA LEU B 36 1.33 34.90 2.91
C LEU B 36 0.90 35.92 1.89
N ASP B 37 1.39 37.15 2.06
CA ASP B 37 1.09 38.19 1.01
C ASP B 37 1.49 37.72 -0.39
N TYR B 38 2.72 37.21 -0.51
CA TYR B 38 3.18 36.82 -1.81
C TYR B 38 2.39 35.65 -2.40
N ALA B 39 2.12 34.67 -1.55
CA ALA B 39 1.40 33.51 -2.04
C ALA B 39 0.03 33.91 -2.55
N VAL B 40 -0.68 34.73 -1.77
CA VAL B 40 -2.02 35.08 -2.20
C VAL B 40 -1.96 35.95 -3.46
N ALA B 41 -0.93 36.76 -3.59
CA ALA B 41 -0.82 37.59 -4.79
C ALA B 41 -0.57 36.75 -6.04
N GLN B 42 -0.01 35.54 -5.83
CA GLN B 42 0.27 34.65 -6.93
C GLN B 42 -0.91 33.69 -7.18
N GLY B 43 -2.01 33.88 -6.44
CA GLY B 43 -3.23 33.12 -6.65
C GLY B 43 -3.41 31.92 -5.75
N ILE B 44 -2.46 31.68 -4.87
CA ILE B 44 -2.64 30.56 -3.91
C ILE B 44 -3.79 30.87 -2.96
N ASN B 45 -4.65 29.86 -2.73
CA ASN B 45 -5.72 30.06 -1.79
C ASN B 45 -5.75 29.06 -0.67
N LEU B 46 -4.82 28.11 -0.66
CA LEU B 46 -4.77 27.08 0.40
C LEU B 46 -3.61 27.31 1.36
N ILE B 47 -3.91 27.43 2.64
CA ILE B 47 -2.86 27.72 3.65
C ILE B 47 -3.02 26.62 4.68
N ASP B 48 -1.94 25.89 4.94
CA ASP B 48 -1.97 24.75 5.87
C ASP B 48 -1.20 25.05 7.13
N VAL B 49 -1.89 24.89 8.25
CA VAL B 49 -1.32 25.12 9.58
C VAL B 49 -1.65 23.94 10.47
N ALA B 50 -1.26 24.00 11.74
CA ALA B 50 -1.64 22.96 12.67
C ALA B 50 -1.49 23.56 14.08
N GLU B 51 -2.16 22.94 15.06
CA GLU B 51 -2.01 23.45 16.44
C GLU B 51 -0.60 23.21 16.95
N MET B 52 0.11 22.21 16.43
CA MET B 52 1.45 21.94 16.96
C MET B 52 2.58 22.75 16.36
N TYR B 53 2.31 23.56 15.36
CA TYR B 53 3.41 24.25 14.70
C TYR B 53 3.77 25.50 15.51
N PRO B 54 4.99 26.00 15.41
CA PRO B 54 6.03 25.56 14.45
C PRO B 54 6.84 24.33 14.87
N VAL B 55 7.69 23.87 13.96
CA VAL B 55 8.54 22.73 14.24
C VAL B 55 10.01 23.18 14.14
N PRO B 56 10.90 22.50 14.87
CA PRO B 56 10.59 21.37 15.74
C PRO B 56 9.77 21.85 16.91
N PRO B 57 8.79 21.06 17.31
CA PRO B 57 7.82 21.54 18.29
C PRO B 57 8.35 21.59 19.72
N ARG B 58 7.91 22.62 20.40
CA ARG B 58 8.06 22.64 21.86
C ARG B 58 6.97 23.47 22.50
N PRO B 59 6.65 23.17 23.76
CA PRO B 59 5.58 23.87 24.45
C PRO B 59 5.73 25.35 24.41
N GLU B 60 6.97 25.83 24.49
CA GLU B 60 7.20 27.28 24.45
C GLU B 60 6.82 28.00 23.16
N THR B 61 6.78 27.29 22.03
CA THR B 61 6.40 27.95 20.79
C THR B 61 5.06 27.43 20.24
N GLN B 62 4.50 26.38 20.85
CA GLN B 62 3.29 25.76 20.31
C GLN B 62 2.21 26.81 20.06
N GLY B 63 1.63 26.78 18.84
CA GLY B 63 0.57 27.70 18.47
C GLY B 63 1.05 29.00 17.82
N LEU B 64 2.34 29.27 17.83
CA LEU B 64 2.78 30.53 17.24
C LEU B 64 2.43 30.65 15.76
N THR B 65 2.51 29.55 15.02
CA THR B 65 2.17 29.58 13.61
C THR B 65 0.76 30.03 13.38
N GLU B 66 -0.21 29.42 14.06
CA GLU B 66 -1.59 29.84 13.92
C GLU B 66 -1.77 31.28 14.35
N THR B 67 -1.09 31.69 15.43
CA THR B 67 -1.17 33.08 15.87
C THR B 67 -0.67 34.06 14.79
N TYR B 68 0.44 33.73 14.13
CA TYR B 68 0.96 34.63 13.11
C TYR B 68 0.01 34.70 11.95
N VAL B 69 -0.56 33.55 11.56
CA VAL B 69 -1.49 33.56 10.43
C VAL B 69 -2.76 34.34 10.78
N GLY B 70 -3.23 34.16 12.02
CA GLY B 70 -4.39 34.87 12.54
C GLY B 70 -4.17 36.36 12.48
N ASN B 71 -2.98 36.82 12.84
CA ASN B 71 -2.73 38.26 12.82
C ASN B 71 -2.76 38.76 11.40
N TRP B 72 -2.24 37.94 10.50
CA TRP B 72 -2.25 38.30 9.08
C TRP B 72 -3.68 38.33 8.55
N LEU B 73 -4.49 37.33 8.91
CA LEU B 73 -5.86 37.31 8.44
C LEU B 73 -6.65 38.55 8.91
N ALA B 74 -6.45 38.91 10.18
CA ALA B 74 -7.14 40.08 10.73
C ALA B 74 -6.72 41.36 9.99
N LYS B 75 -5.46 41.46 9.61
CA LYS B 75 -5.00 42.69 8.95
C LYS B 75 -5.47 42.75 7.52
N HIS B 76 -5.28 41.66 6.79
CA HIS B 76 -5.51 41.71 5.37
C HIS B 76 -6.92 41.42 4.86
N GLY B 77 -7.75 40.82 5.71
CA GLY B 77 -9.13 40.59 5.38
C GLY B 77 -9.29 39.59 4.25
N SER B 78 -10.45 39.65 3.58
CA SER B 78 -10.83 38.75 2.49
C SER B 78 -10.66 37.27 2.88
N ARG B 79 -10.98 37.00 4.13
CA ARG B 79 -10.84 35.63 4.69
C ARG B 79 -11.66 34.64 3.88
N GLU B 80 -12.80 35.07 3.36
CA GLU B 80 -13.64 34.13 2.66
C GLU B 80 -13.04 33.59 1.39
N LYS B 81 -12.00 34.26 0.85
CA LYS B 81 -11.42 33.76 -0.38
C LYS B 81 -10.40 32.67 -0.14
N LEU B 82 -10.07 32.42 1.12
CA LEU B 82 -9.01 31.48 1.43
C LEU B 82 -9.54 30.19 1.97
N ILE B 83 -8.81 29.12 1.71
CA ILE B 83 -9.06 27.83 2.32
C ILE B 83 -8.02 27.65 3.43
N ILE B 84 -8.47 27.77 4.68
CA ILE B 84 -7.55 27.66 5.80
C ILE B 84 -7.78 26.27 6.34
N ALA B 85 -6.68 25.50 6.38
CA ALA B 85 -6.75 24.11 6.80
C ALA B 85 -5.89 23.99 8.06
N SER B 86 -6.45 23.45 9.12
CA SER B 86 -5.63 23.21 10.31
C SER B 86 -5.75 21.76 10.72
N LYS B 87 -5.13 21.43 11.86
CA LYS B 87 -5.09 20.02 12.28
C LYS B 87 -5.19 19.91 13.77
N VAL B 88 -5.77 18.78 14.21
CA VAL B 88 -5.76 18.41 15.63
C VAL B 88 -4.72 17.28 15.77
N SER B 89 -3.86 17.41 16.77
CA SER B 89 -2.81 16.41 16.95
C SER B 89 -3.36 15.06 17.35
N GLY B 90 -2.67 14.01 16.93
CA GLY B 90 -2.99 12.68 17.42
C GLY B 90 -2.31 12.49 18.78
N PRO B 91 -2.34 11.27 19.30
CA PRO B 91 -1.67 10.99 20.57
C PRO B 91 -0.19 11.33 20.50
N SER B 92 0.35 11.73 21.64
CA SER B 92 1.76 12.06 21.65
C SER B 92 2.70 10.90 21.36
N ARG B 93 2.19 9.70 21.23
CA ARG B 93 3.04 8.59 20.81
C ARG B 93 4.31 9.17 20.17
N ASN B 94 4.12 10.15 19.29
CA ASN B 94 5.21 10.81 18.58
C ASN B 94 6.39 11.26 19.45
N ASN B 95 6.30 12.51 19.88
CA ASN B 95 7.31 13.17 20.70
C ASN B 95 6.73 13.49 22.07
N ASP B 96 7.26 12.82 23.07
CA ASP B 96 6.79 12.86 24.45
C ASP B 96 5.88 14.01 24.94
N LYS B 97 6.32 15.26 24.81
CA LYS B 97 5.55 16.39 25.37
C LYS B 97 4.26 16.75 24.62
N GLY B 98 3.11 16.49 25.23
CA GLY B 98 1.88 16.79 24.51
C GLY B 98 1.39 18.25 24.60
N ILE B 99 0.26 18.52 23.98
CA ILE B 99 -0.40 19.81 24.13
C ILE B 99 -1.40 19.69 25.27
N ARG B 100 -2.05 18.53 25.37
CA ARG B 100 -3.06 18.27 26.41
C ARG B 100 -2.67 16.99 27.11
N PRO B 101 -2.99 16.88 28.39
CA PRO B 101 -2.71 15.64 29.11
C PRO B 101 -3.43 14.44 28.45
N ASP B 102 -2.69 13.32 28.27
CA ASP B 102 -3.23 12.07 27.72
C ASP B 102 -4.02 12.39 26.47
N GLN B 103 -3.38 13.18 25.65
CA GLN B 103 -3.96 13.63 24.40
C GLN B 103 -4.46 12.43 23.57
N ALA B 104 -5.66 12.53 22.99
CA ALA B 104 -6.26 11.45 22.19
C ALA B 104 -7.20 12.13 21.23
N LEU B 105 -7.65 11.36 20.25
CA LEU B 105 -8.60 11.90 19.26
C LEU B 105 -10.03 11.67 19.63
N ASP B 106 -10.37 11.99 20.88
CA ASP B 106 -11.74 11.89 21.34
C ASP B 106 -12.42 13.25 21.35
N ARG B 107 -13.69 13.30 21.74
CA ARG B 107 -14.45 14.54 21.71
C ARG B 107 -13.87 15.65 22.57
N LYS B 108 -13.44 15.33 23.79
CA LYS B 108 -12.91 16.32 24.69
C LYS B 108 -11.68 17.03 24.13
N ASN B 109 -10.75 16.26 23.60
CA ASN B 109 -9.55 16.84 23.05
C ASN B 109 -9.86 17.64 21.78
N ILE B 110 -10.72 17.08 20.92
CA ILE B 110 -11.07 17.77 19.65
C ILE B 110 -11.75 19.08 19.94
N ARG B 111 -12.64 19.12 20.92
CA ARG B 111 -13.32 20.37 21.22
C ARG B 111 -12.30 21.41 21.64
N GLU B 112 -11.40 21.02 22.54
CA GLU B 112 -10.42 21.99 23.05
C GLU B 112 -9.44 22.47 21.99
N ALA B 113 -8.95 21.54 21.20
CA ALA B 113 -8.00 21.88 20.17
C ALA B 113 -8.59 22.84 19.16
N LEU B 114 -9.80 22.53 18.70
CA LEU B 114 -10.41 23.34 17.67
C LEU B 114 -10.70 24.72 18.20
N HIS B 115 -11.10 24.79 19.47
CA HIS B 115 -11.46 26.10 19.95
C HIS B 115 -10.23 26.96 20.11
N ASP B 116 -9.13 26.35 20.53
CA ASP B 116 -7.91 27.12 20.70
C ASP B 116 -7.36 27.53 19.31
N SER B 117 -7.47 26.63 18.33
CA SER B 117 -7.04 26.98 16.96
C SER B 117 -7.85 28.16 16.38
N LEU B 118 -9.16 28.14 16.56
CA LEU B 118 -9.97 29.21 15.97
C LEU B 118 -9.62 30.54 16.67
N LYS B 119 -9.37 30.47 17.96
CA LYS B 119 -8.98 31.65 18.73
C LYS B 119 -7.67 32.24 18.18
N ARG B 120 -6.66 31.39 17.99
CA ARG B 120 -5.37 31.91 17.46
C ARG B 120 -5.47 32.41 16.02
N LEU B 121 -6.29 31.73 15.22
CA LEU B 121 -6.43 32.09 13.82
C LEU B 121 -7.38 33.29 13.60
N GLN B 122 -8.03 33.72 14.67
CA GLN B 122 -8.91 34.88 14.60
C GLN B 122 -9.98 34.70 13.53
N THR B 123 -10.54 33.51 13.48
CA THR B 123 -11.60 33.28 12.50
C THR B 123 -12.67 32.37 13.13
N ASP B 124 -13.90 32.41 12.60
CA ASP B 124 -14.98 31.64 13.24
C ASP B 124 -15.11 30.22 12.72
N TYR B 125 -14.40 29.89 11.64
CA TYR B 125 -14.52 28.55 11.06
C TYR B 125 -13.25 28.19 10.32
N LEU B 126 -13.03 26.89 10.15
CA LEU B 126 -11.94 26.39 9.31
C LEU B 126 -12.59 25.75 8.09
N ASP B 127 -11.93 25.89 6.94
CA ASP B 127 -12.45 25.27 5.76
C ASP B 127 -12.17 23.78 5.76
N LEU B 128 -11.01 23.41 6.29
CA LEU B 128 -10.63 21.98 6.31
C LEU B 128 -9.98 21.71 7.66
N TYR B 129 -10.48 20.72 8.38
CA TYR B 129 -9.88 20.38 9.69
C TYR B 129 -9.42 18.92 9.56
N GLN B 130 -8.16 18.66 9.89
CA GLN B 130 -7.54 17.38 9.56
C GLN B 130 -7.06 16.67 10.83
N VAL B 131 -7.23 15.35 10.86
CA VAL B 131 -6.68 14.52 11.94
C VAL B 131 -5.19 14.40 11.65
N HIS B 132 -4.32 14.98 12.50
CA HIS B 132 -2.89 15.14 12.12
C HIS B 132 -2.17 13.79 11.97
N TRP B 133 -2.51 12.85 12.82
CA TRP B 133 -2.01 11.46 12.61
C TRP B 133 -2.91 10.52 13.35
N PRO B 134 -2.91 9.25 13.01
CA PRO B 134 -3.88 8.35 13.62
C PRO B 134 -3.66 8.03 15.11
N GLN B 135 -4.79 7.74 15.72
CA GLN B 135 -4.81 7.26 17.11
C GLN B 135 -4.11 5.91 17.22
N ARG B 136 -4.42 4.99 16.31
CA ARG B 136 -3.79 3.63 16.32
C ARG B 136 -2.36 3.68 15.76
N PRO B 137 -1.49 2.79 16.21
CA PRO B 137 -0.16 2.74 15.63
C PRO B 137 -0.23 2.16 14.23
N THR B 138 0.40 2.82 13.28
CA THR B 138 0.31 2.31 11.91
C THR B 138 1.52 2.76 11.10
N ASN B 139 1.51 2.43 9.80
CA ASN B 139 2.70 2.74 9.01
C ASN B 139 2.67 4.14 8.44
N CYS B 140 3.13 5.04 9.30
CA CYS B 140 3.38 6.45 8.95
C CYS B 140 4.69 6.89 9.63
N PHE B 141 5.15 8.10 9.33
CA PHE B 141 6.29 8.69 10.06
C PHE B 141 7.50 7.77 10.13
N GLY B 142 7.93 7.34 8.97
CA GLY B 142 9.19 6.61 8.83
C GLY B 142 9.06 5.10 8.80
N LYS B 143 7.83 4.61 8.84
CA LYS B 143 7.61 3.16 8.79
C LYS B 143 6.92 2.85 7.47
N LEU B 144 7.60 2.12 6.60
CA LEU B 144 7.03 1.83 5.29
C LEU B 144 5.92 0.81 5.34
N GLY B 145 6.23 -0.34 5.94
CA GLY B 145 5.24 -1.41 6.04
C GLY B 145 4.59 -1.42 7.40
N TYR B 146 3.39 -1.98 7.43
CA TYR B 146 2.63 -2.03 8.67
C TYR B 146 3.09 -3.24 9.52
N SER B 147 3.17 -3.03 10.84
CA SER B 147 3.43 -4.11 11.77
C SER B 147 2.20 -4.30 12.64
N TRP B 148 1.81 -5.54 12.82
CA TRP B 148 0.69 -5.87 13.65
C TRP B 148 0.82 -5.34 15.04
N THR B 149 -0.27 -4.88 15.61
CA THR B 149 -0.23 -4.33 16.99
C THR B 149 -0.88 -5.28 17.99
N ASP B 150 -0.47 -5.24 19.28
CA ASP B 150 -1.13 -6.05 20.33
C ASP B 150 -2.02 -5.14 21.16
N SER B 151 -2.78 -4.25 20.55
CA SER B 151 -3.49 -3.28 21.39
C SER B 151 -4.55 -2.45 20.69
N ALA B 152 -5.80 -2.88 20.79
CA ALA B 152 -6.90 -2.10 20.21
C ALA B 152 -6.67 -0.67 20.64
N PRO B 153 -6.83 0.28 19.72
CA PRO B 153 -6.63 1.70 20.08
C PRO B 153 -7.74 2.09 21.04
N ALA B 154 -7.47 3.09 21.89
CA ALA B 154 -8.35 3.61 22.95
C ALA B 154 -9.56 4.40 22.45
N VAL B 155 -9.47 4.80 21.21
CA VAL B 155 -10.52 5.60 20.60
C VAL B 155 -10.55 5.11 19.17
N SER B 156 -11.71 4.78 18.64
CA SER B 156 -11.86 4.18 17.32
C SER B 156 -12.05 5.28 16.31
N LEU B 157 -11.87 4.91 15.05
CA LEU B 157 -12.16 5.89 14.00
C LEU B 157 -13.60 6.45 14.06
N LEU B 158 -14.58 5.61 14.40
CA LEU B 158 -15.95 6.05 14.53
C LEU B 158 -16.08 7.05 15.67
N ASP B 159 -15.39 6.82 16.81
CA ASP B 159 -15.40 7.83 17.88
C ASP B 159 -14.91 9.21 17.34
N THR B 160 -13.83 9.16 16.60
CA THR B 160 -13.24 10.38 16.10
C THR B 160 -14.16 11.08 15.09
N LEU B 161 -14.70 10.30 14.16
CA LEU B 161 -15.58 10.87 13.14
C LEU B 161 -16.85 11.44 13.76
N ASP B 162 -17.42 10.76 14.77
CA ASP B 162 -18.65 11.23 15.41
C ASP B 162 -18.31 12.54 16.14
N ALA B 163 -17.11 12.65 16.71
CA ALA B 163 -16.76 13.91 17.36
C ALA B 163 -16.62 15.08 16.33
N LEU B 164 -15.98 14.81 15.20
CA LEU B 164 -15.81 15.88 14.21
C LEU B 164 -17.13 16.31 13.69
N ALA B 165 -18.06 15.36 13.54
CA ALA B 165 -19.40 15.66 13.05
C ALA B 165 -20.10 16.72 13.87
N GLU B 166 -19.90 16.67 15.19
CA GLU B 166 -20.55 17.68 15.99
C GLU B 166 -20.05 19.09 15.61
N TYR B 167 -18.74 19.24 15.37
CA TYR B 167 -18.22 20.57 15.10
C TYR B 167 -18.44 20.99 13.67
N GLN B 168 -18.67 20.03 12.79
CA GLN B 168 -19.10 20.32 11.41
C GLN B 168 -20.53 20.88 11.45
N ARG B 169 -21.41 20.24 12.19
CA ARG B 169 -22.77 20.76 12.25
C ARG B 169 -22.79 22.15 12.88
N ALA B 170 -21.86 22.41 13.80
CA ALA B 170 -21.77 23.74 14.42
C ALA B 170 -21.21 24.80 13.46
N GLY B 171 -20.73 24.36 12.31
CA GLY B 171 -20.20 25.30 11.33
C GLY B 171 -18.78 25.76 11.64
N LYS B 172 -18.14 25.14 12.65
CA LYS B 172 -16.77 25.52 13.03
C LYS B 172 -15.77 24.92 12.06
N ILE B 173 -16.17 23.81 11.45
CA ILE B 173 -15.36 23.23 10.38
C ILE B 173 -16.24 22.91 9.19
N ARG B 174 -15.77 23.14 7.97
CA ARG B 174 -16.58 22.82 6.79
C ARG B 174 -16.32 21.43 6.30
N TYR B 175 -15.07 21.17 5.94
CA TYR B 175 -14.71 19.86 5.43
C TYR B 175 -13.74 19.19 6.40
N ILE B 176 -13.75 17.86 6.40
CA ILE B 176 -12.77 17.09 7.20
C ILE B 176 -11.83 16.27 6.34
N GLY B 177 -10.57 16.19 6.80
CA GLY B 177 -9.57 15.40 6.10
C GLY B 177 -8.74 14.62 7.10
N VAL B 178 -7.88 13.76 6.57
CA VAL B 178 -7.00 13.00 7.43
C VAL B 178 -5.57 13.23 7.01
N SER B 179 -4.63 12.79 7.83
CA SER B 179 -3.21 13.03 7.49
C SER B 179 -2.41 11.84 8.05
N ASN B 180 -1.35 11.47 7.35
CA ASN B 180 -0.52 10.34 7.78
C ASN B 180 -1.36 9.11 7.97
N GLU B 181 -2.31 8.92 7.04
CA GLU B 181 -3.18 7.76 7.07
C GLU B 181 -2.78 6.71 6.05
N THR B 182 -3.56 5.62 6.02
CA THR B 182 -3.28 4.48 5.17
C THR B 182 -4.51 4.14 4.36
N ALA B 183 -4.36 3.25 3.39
CA ALA B 183 -5.51 2.82 2.59
C ALA B 183 -6.62 2.24 3.46
N PHE B 184 -6.26 1.41 4.44
CA PHE B 184 -7.25 0.88 5.36
C PHE B 184 -7.98 2.02 6.08
N GLY B 185 -7.24 2.95 6.64
CA GLY B 185 -7.90 3.98 7.47
C GLY B 185 -8.82 4.83 6.60
N VAL B 186 -8.36 5.23 5.41
CA VAL B 186 -9.26 6.02 4.53
C VAL B 186 -10.54 5.25 4.21
N MET B 187 -10.38 3.99 3.80
CA MET B 187 -11.57 3.22 3.45
C MET B 187 -12.48 3.01 4.62
N ARG B 188 -11.92 2.88 5.84
CA ARG B 188 -12.80 2.78 7.01
C ARG B 188 -13.57 4.07 7.24
N TYR B 189 -12.91 5.22 7.17
CA TYR B 189 -13.65 6.49 7.37
C TYR B 189 -14.81 6.57 6.37
N LEU B 190 -14.52 6.21 5.13
CA LEU B 190 -15.59 6.32 4.10
C LEU B 190 -16.74 5.36 4.36
N HIS B 191 -16.41 4.15 4.79
CA HIS B 191 -17.42 3.17 5.14
C HIS B 191 -18.27 3.70 6.28
N LEU B 192 -17.65 4.25 7.31
CA LEU B 192 -18.36 4.72 8.50
C LEU B 192 -19.27 5.91 8.12
N ALA B 193 -18.79 6.78 7.23
CA ALA B 193 -19.64 7.89 6.85
C ALA B 193 -20.93 7.41 6.21
N ASP B 194 -20.83 6.43 5.35
CA ASP B 194 -22.02 5.94 4.63
C ASP B 194 -22.91 5.16 5.58
N LYS B 195 -22.29 4.31 6.38
CA LYS B 195 -23.08 3.45 7.27
C LYS B 195 -23.84 4.25 8.33
N HIS B 196 -23.17 5.24 8.90
CA HIS B 196 -23.71 6.00 10.02
C HIS B 196 -24.20 7.42 9.71
N ASP B 197 -24.23 7.76 8.43
CA ASP B 197 -24.64 9.09 7.99
C ASP B 197 -23.80 10.18 8.70
N LEU B 198 -22.49 10.07 8.52
CA LEU B 198 -21.51 10.96 9.14
C LEU B 198 -20.77 11.64 8.00
N PRO B 199 -20.03 12.72 8.28
CA PRO B 199 -19.34 13.40 7.18
C PRO B 199 -18.33 12.52 6.50
N ARG B 200 -18.27 12.71 5.18
CA ARG B 200 -17.31 11.99 4.35
C ARG B 200 -15.98 12.75 4.19
N ILE B 201 -14.86 12.22 4.67
CA ILE B 201 -13.59 12.90 4.48
C ILE B 201 -13.30 13.15 2.97
N VAL B 202 -12.61 14.26 2.70
CA VAL B 202 -12.40 14.62 1.28
C VAL B 202 -10.93 14.64 0.86
N THR B 203 -10.01 14.71 1.84
CA THR B 203 -8.59 14.76 1.51
C THR B 203 -7.77 13.94 2.48
N ILE B 204 -6.59 13.56 2.00
CA ILE B 204 -5.58 12.98 2.85
C ILE B 204 -4.30 13.77 2.64
N GLN B 205 -3.65 14.14 3.73
CA GLN B 205 -2.40 14.90 3.66
C GLN B 205 -1.27 13.95 4.08
N ASN B 206 -0.55 13.44 3.11
CA ASN B 206 0.49 12.45 3.35
C ASN B 206 1.78 12.92 2.68
N PRO B 207 2.89 12.37 3.09
CA PRO B 207 4.15 12.76 2.45
C PRO B 207 4.12 12.17 1.02
N TYR B 208 4.67 12.90 0.08
CA TYR B 208 4.84 12.33 -1.27
C TYR B 208 5.95 13.10 -1.94
N SER B 209 6.95 12.36 -2.46
CA SER B 209 8.06 13.01 -3.16
C SER B 209 8.80 11.94 -3.90
N LEU B 210 9.84 12.32 -4.63
CA LEU B 210 10.67 11.33 -5.30
C LEU B 210 11.20 10.28 -4.30
N LEU B 211 11.37 10.71 -3.06
CA LEU B 211 11.95 9.86 -2.02
C LEU B 211 10.90 9.01 -1.28
N ASN B 212 9.62 9.33 -1.42
CA ASN B 212 8.59 8.50 -0.80
C ASN B 212 7.33 8.51 -1.68
N ARG B 213 7.28 7.58 -2.62
CA ARG B 213 6.12 7.45 -3.51
C ARG B 213 5.19 6.34 -3.04
N SER B 214 5.30 5.93 -1.77
CA SER B 214 4.59 4.73 -1.31
C SER B 214 3.08 4.91 -1.32
N PHE B 215 2.63 6.17 -1.42
CA PHE B 215 1.21 6.44 -1.60
C PHE B 215 0.65 5.61 -2.77
N GLU B 216 1.49 5.34 -3.77
CA GLU B 216 1.03 4.64 -4.96
C GLU B 216 0.61 3.18 -4.71
N VAL B 217 1.11 2.54 -3.63
CA VAL B 217 0.79 1.12 -3.46
C VAL B 217 -0.67 0.89 -3.06
N GLY B 218 -1.17 1.70 -2.13
CA GLY B 218 -2.53 1.45 -1.66
C GLY B 218 -3.49 2.63 -1.80
N LEU B 219 -2.96 3.84 -1.74
CA LEU B 219 -3.82 5.01 -1.62
C LEU B 219 -4.18 5.67 -2.94
N ALA B 220 -3.33 5.54 -3.96
CA ALA B 220 -3.64 6.20 -5.24
C ALA B 220 -4.93 5.64 -5.84
N GLU B 221 -5.17 4.36 -5.66
CA GLU B 221 -6.39 3.77 -6.21
C GLU B 221 -7.60 4.26 -5.43
N VAL B 222 -7.46 4.38 -4.09
CA VAL B 222 -8.53 4.97 -3.32
C VAL B 222 -8.82 6.41 -3.82
N SER B 223 -7.76 7.17 -4.08
CA SER B 223 -8.01 8.51 -4.61
C SER B 223 -8.83 8.48 -5.93
N GLN B 224 -8.49 7.55 -6.81
CA GLN B 224 -9.21 7.49 -8.08
C GLN B 224 -10.68 7.13 -7.88
N TYR B 225 -10.95 6.03 -7.18
CA TYR B 225 -12.33 5.57 -7.11
C TYR B 225 -13.18 6.30 -6.09
N GLU B 226 -12.57 6.72 -4.98
CA GLU B 226 -13.31 7.40 -3.93
C GLU B 226 -13.25 8.93 -3.94
N GLY B 227 -12.25 9.51 -4.59
CA GLY B 227 -12.23 10.97 -4.63
C GLY B 227 -11.47 11.63 -3.49
N VAL B 228 -10.87 10.84 -2.59
CA VAL B 228 -10.13 11.40 -1.48
C VAL B 228 -8.75 11.65 -2.02
N GLU B 229 -8.50 12.90 -2.31
CA GLU B 229 -7.27 13.22 -3.02
C GLU B 229 -6.18 13.74 -2.08
N LEU B 230 -4.98 13.75 -2.63
CA LEU B 230 -3.78 14.00 -1.84
C LEU B 230 -3.39 15.48 -1.76
N LEU B 231 -3.18 15.98 -0.53
CA LEU B 231 -2.51 17.25 -0.31
C LEU B 231 -1.10 16.78 0.03
N ALA B 232 -0.19 16.88 -0.90
CA ALA B 232 1.15 16.28 -0.70
C ALA B 232 2.02 17.16 0.16
N TYR B 233 2.76 16.54 1.09
CA TYR B 233 3.68 17.29 1.89
C TYR B 233 5.14 16.81 1.81
N SER B 234 6.06 17.70 2.23
CA SER B 234 7.50 17.45 2.17
C SER B 234 7.93 16.99 0.80
N CYS B 235 7.52 17.74 -0.22
CA CYS B 235 7.76 17.36 -1.61
C CYS B 235 9.22 17.57 -2.00
N LEU B 236 9.96 18.29 -1.17
CA LEU B 236 11.42 18.41 -1.32
C LEU B 236 12.20 17.55 -0.35
N GLY B 237 11.54 16.62 0.36
CA GLY B 237 12.24 15.82 1.37
C GLY B 237 12.94 16.71 2.39
N PHE B 238 12.22 17.69 2.93
CA PHE B 238 12.73 18.64 3.94
C PHE B 238 13.76 19.63 3.35
N GLY B 239 13.95 19.59 2.03
CA GLY B 239 14.92 20.41 1.31
C GLY B 239 16.09 19.58 0.79
N THR B 240 16.17 18.31 1.23
CA THR B 240 17.28 17.48 0.72
C THR B 240 17.27 17.39 -0.78
N LEU B 241 16.11 17.37 -1.42
CA LEU B 241 16.05 17.21 -2.87
C LEU B 241 16.62 18.42 -3.62
N THR B 242 16.99 19.45 -2.89
CA THR B 242 17.61 20.63 -3.49
C THR B 242 19.08 20.33 -3.77
N GLY B 243 19.61 19.32 -3.11
CA GLY B 243 21.03 18.94 -3.19
C GLY B 243 21.88 19.76 -2.22
N LYS B 244 21.23 20.60 -1.39
CA LYS B 244 21.98 21.51 -0.53
C LYS B 244 22.85 20.84 0.55
N TYR B 245 22.58 19.57 0.86
CA TYR B 245 23.36 18.88 1.91
C TYR B 245 24.34 17.84 1.34
N LEU B 246 24.42 17.74 0.03
CA LEU B 246 25.29 16.72 -0.56
C LEU B 246 26.74 16.93 -0.12
N ASN B 247 27.47 15.83 -0.01
CA ASN B 247 28.90 15.90 0.29
C ASN B 247 29.21 16.58 1.62
N GLY B 248 28.33 16.41 2.60
CA GLY B 248 28.57 16.95 3.92
C GLY B 248 28.33 18.44 4.10
N ALA B 249 27.77 19.09 3.09
CA ALA B 249 27.52 20.49 3.20
C ALA B 249 26.56 20.81 4.33
N LYS B 250 26.85 21.90 5.01
CA LYS B 250 26.01 22.41 6.09
C LYS B 250 25.71 23.88 5.84
N PRO B 251 24.81 24.15 4.90
CA PRO B 251 24.43 25.53 4.59
C PRO B 251 23.88 26.25 5.82
N ALA B 252 24.39 27.45 6.06
CA ALA B 252 24.02 28.18 7.27
C ALA B 252 22.52 28.47 7.28
N GLY B 253 21.89 28.25 8.42
CA GLY B 253 20.49 28.57 8.60
C GLY B 253 19.55 27.53 8.00
N ALA B 254 20.09 26.50 7.33
CA ALA B 254 19.22 25.42 6.73
C ALA B 254 18.68 24.47 7.81
N ARG B 255 17.50 23.93 7.54
CA ARG B 255 16.81 23.06 8.48
C ARG B 255 17.71 21.99 9.12
N ASN B 256 18.43 21.26 8.27
CA ASN B 256 19.17 20.11 8.80
C ASN B 256 20.53 20.52 9.35
N THR B 257 20.89 21.78 9.10
CA THR B 257 22.08 22.45 9.68
C THR B 257 21.76 22.86 11.08
N LEU B 258 20.62 23.54 11.24
CA LEU B 258 20.17 24.01 12.53
C LEU B 258 19.66 22.95 13.50
N PHE B 259 19.03 21.90 12.97
CA PHE B 259 18.36 20.90 13.77
C PHE B 259 18.71 19.49 13.39
N SER B 260 19.22 18.73 14.33
CA SER B 260 19.64 17.37 14.03
C SER B 260 18.48 16.38 14.07
N ARG B 261 17.33 16.81 14.57
CA ARG B 261 16.26 15.84 14.72
C ARG B 261 15.48 15.49 13.43
N PHE B 262 15.65 16.28 12.38
CA PHE B 262 14.88 16.01 11.16
C PHE B 262 15.61 15.01 10.33
N THR B 263 15.53 13.74 10.72
CA THR B 263 16.31 12.71 10.02
C THR B 263 15.56 11.89 9.00
N ARG B 264 14.31 12.24 8.73
CA ARG B 264 13.49 11.40 7.87
C ARG B 264 14.07 11.19 6.49
N TYR B 265 14.82 12.17 5.99
CA TYR B 265 15.39 12.07 4.63
C TYR B 265 16.92 12.01 4.65
N SER B 266 17.46 11.43 5.73
CA SER B 266 18.92 11.40 5.91
C SER B 266 19.49 10.01 5.90
N GLY B 267 18.66 9.01 5.61
CA GLY B 267 19.17 7.65 5.55
C GLY B 267 20.17 7.41 4.43
N GLU B 268 20.98 6.35 4.56
CA GLU B 268 21.96 6.06 3.55
C GLU B 268 21.39 5.90 2.15
N GLN B 269 20.34 5.10 2.03
CA GLN B 269 19.80 4.92 0.69
C GLN B 269 19.19 6.21 0.15
N THR B 270 18.55 6.96 1.03
CA THR B 270 17.90 8.19 0.63
C THR B 270 18.94 9.16 0.10
N GLN B 271 20.08 9.18 0.77
CA GLN B 271 21.14 10.11 0.33
C GLN B 271 21.71 9.73 -1.04
N LYS B 272 21.82 8.44 -1.31
CA LYS B 272 22.21 7.99 -2.65
C LYS B 272 21.15 8.39 -3.69
N ALA B 273 19.87 8.27 -3.32
CA ALA B 273 18.84 8.64 -4.28
C ALA B 273 18.85 10.14 -4.54
N VAL B 274 19.02 10.92 -3.48
CA VAL B 274 19.08 12.38 -3.64
C VAL B 274 20.21 12.74 -4.62
N ALA B 275 21.41 12.19 -4.43
CA ALA B 275 22.50 12.49 -5.33
C ALA B 275 22.10 12.14 -6.76
N ALA B 276 21.36 11.04 -6.94
CA ALA B 276 21.02 10.61 -8.26
C ALA B 276 19.98 11.54 -8.92
N TYR B 277 19.00 11.98 -8.13
CA TYR B 277 18.00 12.89 -8.69
C TYR B 277 18.58 14.25 -8.99
N VAL B 278 19.45 14.73 -8.12
CA VAL B 278 20.08 16.04 -8.34
C VAL B 278 20.94 15.97 -9.59
N ASP B 279 21.61 14.83 -9.79
CA ASP B 279 22.37 14.62 -11.02
C ASP B 279 21.50 14.71 -12.29
N ILE B 280 20.33 14.08 -12.26
CA ILE B 280 19.40 14.21 -13.38
C ILE B 280 19.08 15.67 -13.63
N ALA B 281 18.69 16.38 -12.57
CA ALA B 281 18.29 17.77 -12.77
C ALA B 281 19.45 18.58 -13.34
N ARG B 282 20.63 18.42 -12.77
CA ARG B 282 21.76 19.24 -13.25
C ARG B 282 22.08 18.95 -14.72
N ARG B 283 22.14 17.68 -15.09
CA ARG B 283 22.48 17.33 -16.47
C ARG B 283 21.43 17.82 -17.48
N HIS B 284 20.16 17.93 -17.06
CA HIS B 284 19.12 18.34 -17.95
C HIS B 284 18.70 19.80 -17.78
N GLY B 285 19.48 20.55 -17.01
CA GLY B 285 19.29 22.01 -16.98
C GLY B 285 18.16 22.48 -16.11
N LEU B 286 17.84 21.65 -15.13
CA LEU B 286 16.75 21.99 -14.23
C LEU B 286 17.21 22.31 -12.81
N ASP B 287 16.47 23.20 -12.16
CA ASP B 287 16.63 23.51 -10.75
C ASP B 287 16.11 22.24 -10.08
N PRO B 288 16.93 21.59 -9.26
CA PRO B 288 16.49 20.34 -8.61
C PRO B 288 15.21 20.48 -7.78
N ALA B 289 15.02 21.61 -7.09
CA ALA B 289 13.76 21.78 -6.34
C ALA B 289 12.60 21.81 -7.28
N GLN B 290 12.74 22.50 -8.39
CA GLN B 290 11.59 22.60 -9.28
C GLN B 290 11.30 21.23 -9.91
N MET B 291 12.33 20.46 -10.27
CA MET B 291 12.12 19.13 -10.82
C MET B 291 11.34 18.27 -9.84
N ALA B 292 11.72 18.33 -8.56
CA ALA B 292 11.05 17.52 -7.56
C ALA B 292 9.60 17.94 -7.39
N LEU B 293 9.36 19.24 -7.39
CA LEU B 293 7.98 19.73 -7.25
C LEU B 293 7.13 19.38 -8.47
N ALA B 294 7.69 19.49 -9.68
CA ALA B 294 6.92 19.20 -10.89
C ALA B 294 6.56 17.71 -10.95
N PHE B 295 7.47 16.87 -10.47
CA PHE B 295 7.19 15.43 -10.43
C PHE B 295 5.94 15.19 -9.57
N VAL B 296 5.83 15.87 -8.42
CA VAL B 296 4.62 15.70 -7.59
C VAL B 296 3.35 16.25 -8.25
N ARG B 297 3.45 17.46 -8.79
CA ARG B 297 2.30 18.12 -9.40
C ARG B 297 1.67 17.29 -10.53
N ARG B 298 2.50 16.58 -11.28
CA ARG B 298 1.96 15.89 -12.44
C ARG B 298 1.14 14.65 -12.10
N GLN B 299 1.16 14.23 -10.83
CA GLN B 299 0.42 12.99 -10.49
C GLN B 299 -1.04 13.28 -10.40
N PRO B 300 -1.87 12.38 -10.97
CA PRO B 300 -3.30 12.63 -11.07
C PRO B 300 -4.03 12.62 -9.73
N PHE B 301 -3.45 12.00 -8.70
CA PHE B 301 -4.07 11.97 -7.39
C PHE B 301 -3.70 13.15 -6.49
N VAL B 302 -2.78 14.01 -6.95
CA VAL B 302 -2.37 15.19 -6.18
C VAL B 302 -3.28 16.36 -6.48
N ALA B 303 -4.08 16.75 -5.49
CA ALA B 303 -4.94 17.93 -5.63
C ALA B 303 -4.11 19.19 -5.42
N SER B 304 -3.19 19.17 -4.46
CA SER B 304 -2.37 20.37 -4.25
C SER B 304 -1.06 19.88 -3.60
N THR B 305 0.02 20.63 -3.86
CA THR B 305 1.34 20.43 -3.27
C THR B 305 1.55 21.51 -2.20
N LEU B 306 1.84 21.12 -0.96
CA LEU B 306 2.02 22.10 0.11
C LEU B 306 3.47 22.53 0.13
N LEU B 307 3.73 23.75 -0.31
CA LEU B 307 5.10 24.27 -0.37
C LEU B 307 5.63 24.66 1.01
N GLY B 308 6.94 24.51 1.22
CA GLY B 308 7.57 25.07 2.39
C GLY B 308 8.74 25.94 1.95
N ALA B 309 8.92 27.05 2.64
CA ALA B 309 10.00 27.97 2.29
C ALA B 309 10.43 28.72 3.54
N THR B 310 11.70 29.08 3.65
CA THR B 310 12.10 29.98 4.73
C THR B 310 12.56 31.32 4.21
N THR B 311 12.67 31.47 2.89
CA THR B 311 13.04 32.78 2.33
C THR B 311 12.11 33.05 1.17
N MET B 312 12.02 34.34 0.87
CA MET B 312 11.22 34.74 -0.26
C MET B 312 11.75 34.19 -1.59
N ASP B 313 13.09 34.13 -1.75
CA ASP B 313 13.62 33.61 -2.99
C ASP B 313 13.21 32.16 -3.18
N GLN B 314 13.20 31.40 -2.08
CA GLN B 314 12.79 29.98 -2.19
C GLN B 314 11.34 29.93 -2.60
N LEU B 315 10.49 30.73 -1.95
CA LEU B 315 9.08 30.68 -2.27
C LEU B 315 8.80 31.05 -3.71
N LYS B 316 9.44 32.12 -4.20
CA LYS B 316 9.28 32.49 -5.61
C LYS B 316 9.67 31.37 -6.58
N THR B 317 10.81 30.72 -6.30
CA THR B 317 11.34 29.61 -7.15
C THR B 317 10.34 28.46 -7.10
N ASN B 318 9.91 28.14 -5.89
CA ASN B 318 8.94 27.03 -5.76
C ASN B 318 7.62 27.31 -6.49
N ILE B 319 7.12 28.55 -6.45
CA ILE B 319 5.87 28.83 -7.14
C ILE B 319 6.07 28.78 -8.66
N GLU B 320 7.25 29.18 -9.11
CA GLU B 320 7.49 29.13 -10.53
C GLU B 320 7.58 27.71 -11.09
N SER B 321 7.71 26.71 -10.22
CA SER B 321 7.76 25.31 -10.66
C SER B 321 6.47 24.89 -11.37
N LEU B 322 5.40 25.64 -11.14
CA LEU B 322 4.14 25.38 -11.78
C LEU B 322 4.30 25.28 -13.29
N HIS B 323 5.27 26.00 -13.85
CA HIS B 323 5.41 26.05 -15.30
C HIS B 323 6.40 25.07 -15.90
N LEU B 324 7.05 24.29 -15.05
CA LEU B 324 8.02 23.33 -15.54
C LEU B 324 7.35 22.07 -16.12
N GLU B 325 7.69 21.70 -17.35
CA GLU B 325 7.20 20.40 -17.80
C GLU B 325 8.37 19.49 -18.01
N LEU B 326 8.32 18.34 -17.35
CA LEU B 326 9.44 17.40 -17.37
C LEU B 326 9.50 16.65 -18.70
N SER B 327 10.70 16.56 -19.27
CA SER B 327 10.83 15.92 -20.57
C SER B 327 10.74 14.41 -20.44
N GLU B 328 10.46 13.75 -21.56
CA GLU B 328 10.41 12.31 -21.59
C GLU B 328 11.74 11.73 -21.05
N ASP B 329 12.87 12.33 -21.42
CA ASP B 329 14.15 11.78 -20.99
C ASP B 329 14.36 11.90 -19.48
N VAL B 330 13.97 13.03 -18.91
CA VAL B 330 14.13 13.27 -17.48
C VAL B 330 13.22 12.27 -16.77
N LEU B 331 12.00 12.12 -17.26
CA LEU B 331 11.04 11.18 -16.61
C LEU B 331 11.56 9.75 -16.62
N ALA B 332 12.21 9.35 -17.70
CA ALA B 332 12.78 8.00 -17.81
C ALA B 332 13.93 7.77 -16.84
N GLU B 333 14.79 8.78 -16.72
CA GLU B 333 15.86 8.69 -15.77
C GLU B 333 15.33 8.63 -14.34
N ILE B 334 14.29 9.40 -14.05
CA ILE B 334 13.67 9.41 -12.73
C ILE B 334 13.14 8.01 -12.40
N GLU B 335 12.49 7.37 -13.37
CA GLU B 335 11.93 6.02 -13.12
C GLU B 335 13.02 4.97 -12.90
N ALA B 336 14.11 5.09 -13.64
CA ALA B 336 15.24 4.17 -13.48
C ALA B 336 15.89 4.34 -12.10
N VAL B 337 16.02 5.58 -11.59
CA VAL B 337 16.62 5.79 -10.27
C VAL B 337 15.66 5.17 -9.23
N HIS B 338 14.36 5.30 -9.45
CA HIS B 338 13.40 4.81 -8.47
C HIS B 338 13.41 3.31 -8.39
N GLN B 339 13.67 2.65 -9.53
CA GLN B 339 13.83 1.19 -9.47
C GLN B 339 15.00 0.73 -8.58
N VAL B 340 16.07 1.53 -8.52
CA VAL B 340 17.22 1.20 -7.68
C VAL B 340 16.96 1.57 -6.21
N TYR B 341 16.34 2.73 -6.01
CA TYR B 341 16.03 3.27 -4.68
C TYR B 341 14.52 3.43 -4.53
N THR B 342 13.86 2.33 -4.22
CA THR B 342 12.39 2.32 -4.15
C THR B 342 11.98 2.72 -2.74
N TYR B 343 11.15 3.77 -2.63
CA TYR B 343 10.65 4.27 -1.31
C TYR B 343 11.72 4.31 -0.19
N PRO B 344 12.83 5.03 -0.43
CA PRO B 344 13.93 4.97 0.52
C PRO B 344 13.65 5.72 1.83
N ALA B 345 12.70 6.67 1.81
CA ALA B 345 12.44 7.54 2.94
C ALA B 345 10.97 7.58 3.35
N PRO B 346 10.49 6.52 3.98
CA PRO B 346 9.07 6.46 4.40
C PRO B 346 8.74 7.39 5.57
#